data_8SW6
#
_entry.id   8SW6
#
_cell.length_a   92.004
_cell.length_b   92.004
_cell.length_c   199.581
_cell.angle_alpha   90.00
_cell.angle_beta   90.00
_cell.angle_gamma   90.00
#
_symmetry.space_group_name_H-M   'P 41 21 2'
#
loop_
_entity.id
_entity.type
_entity.pdbx_description
1 polymer 'Serine/threonine-protein phosphatase PP1-alpha catalytic subunit'
2 polymer 'PP1-specific Phosphatase-Targeting Peptide version 3'
3 non-polymer 'MANGANESE (II) ION'
4 non-polymer 'SULFATE ION'
5 non-polymer 'CHLORIDE ION'
6 water water
#
loop_
_entity_poly.entity_id
_entity_poly.type
_entity_poly.pdbx_seq_one_letter_code
_entity_poly.pdbx_strand_id
1 'polypeptide(L)'
;GHMGSLNLDSIIGRLLEVQGSRPGKNVQLTENEIRGLCLKSREIFLSQPILLELEAPLKICGDIHGQYYDLLRLFEYGGF
PPESNYLFLGDYVDRGKQSLETICLLLAYKIKYPENFFLLRGNHECASINRIYGFYDECKRRYNIKLWKTFTDCFNCLPI
AAIVDEKIFCCHGGLSPDLQSMEQIRRIMRPTDVPDQGLLCDLLWSDPDKDVQGWGENDRGVSFTFGAEVVAKFLHKHDL
DLICRAHQVVEDGYEFFAKRQLVTLFSAPNYCGEFDNAGAMMSVDETLMCSFQILKPAD
;
A,B
2 'polypeptide(L)' GHMKGILKREKRLRRKNVHWPEEGKLREYFYFELDEAERVNVN C,D
#
# COMPACT_ATOMS: atom_id res chain seq x y z
N SER A 5 20.86 18.35 -24.74
CA SER A 5 19.40 18.31 -24.74
C SER A 5 18.84 18.67 -23.36
N LEU A 6 19.44 18.11 -22.30
CA LEU A 6 19.03 18.37 -20.93
C LEU A 6 19.76 19.60 -20.41
N ASN A 7 19.02 20.67 -20.10
CA ASN A 7 19.63 21.88 -19.53
C ASN A 7 19.84 21.64 -18.04
N LEU A 8 20.83 20.79 -17.75
CA LEU A 8 21.01 20.30 -16.40
C LEU A 8 21.44 21.39 -15.44
N ASP A 9 22.34 22.29 -15.87
CA ASP A 9 22.77 23.36 -14.97
C ASP A 9 21.64 24.34 -14.69
N SER A 10 20.78 24.61 -15.67
CA SER A 10 19.64 25.48 -15.45
C SER A 10 18.69 24.90 -14.41
N ILE A 11 18.41 23.61 -14.53
CA ILE A 11 17.55 22.92 -13.56
C ILE A 11 18.14 23.04 -12.16
N ILE A 12 19.42 22.70 -12.00
CA ILE A 12 20.00 22.74 -10.66
C ILE A 12 19.96 24.15 -10.10
N GLY A 13 20.27 25.14 -10.95
CA GLY A 13 20.23 26.51 -10.46
C GLY A 13 18.86 26.95 -9.97
N ARG A 14 17.82 26.55 -10.69
CA ARG A 14 16.46 26.89 -10.26
C ARG A 14 16.08 26.15 -8.98
N LEU A 15 16.54 24.91 -8.83
CA LEU A 15 16.28 24.18 -7.58
C LEU A 15 16.99 24.83 -6.40
N LEU A 16 18.21 25.33 -6.61
CA LEU A 16 18.97 25.88 -5.50
C LEU A 16 18.62 27.33 -5.18
N GLU A 17 18.00 28.06 -6.11
CA GLU A 17 17.81 29.49 -5.90
C GLU A 17 16.73 29.82 -4.87
N VAL A 18 15.91 28.85 -4.43
CA VAL A 18 14.90 29.09 -3.41
C VAL A 18 15.46 28.94 -2.00
N GLN A 19 16.73 28.62 -1.85
CA GLN A 19 17.34 28.51 -0.54
C GLN A 19 17.20 29.83 0.21
N GLY A 20 16.62 29.77 1.41
CA GLY A 20 16.37 30.97 2.18
C GLY A 20 15.18 31.80 1.75
N SER A 21 14.52 31.45 0.65
CA SER A 21 13.39 32.21 0.13
C SER A 21 12.16 32.04 1.03
N ARG A 22 11.03 32.57 0.54
CA ARG A 22 9.77 32.47 1.24
C ARG A 22 9.57 31.03 1.72
N PRO A 23 9.17 30.82 2.97
CA PRO A 23 9.12 29.46 3.52
C PRO A 23 8.22 28.54 2.70
N GLY A 24 8.73 27.35 2.39
CA GLY A 24 7.94 26.38 1.66
C GLY A 24 7.78 26.66 0.18
N LYS A 25 8.52 27.62 -0.38
CA LYS A 25 8.36 27.97 -1.79
C LYS A 25 8.72 26.79 -2.70
N ASN A 26 7.83 26.52 -3.65
CA ASN A 26 8.01 25.42 -4.59
C ASN A 26 9.02 25.82 -5.67
N VAL A 27 9.63 24.81 -6.27
CA VAL A 27 10.31 24.96 -7.54
C VAL A 27 9.56 24.08 -8.52
N GLN A 28 8.97 24.69 -9.54
CA GLN A 28 8.13 23.97 -10.49
C GLN A 28 8.89 23.88 -11.82
N LEU A 29 9.58 22.74 -12.00
CA LEU A 29 10.23 22.44 -13.26
C LEU A 29 9.18 22.13 -14.32
N THR A 30 9.59 22.09 -15.59
CA THR A 30 8.67 21.63 -16.62
C THR A 30 8.57 20.11 -16.59
N GLU A 31 7.47 19.57 -17.11
CA GLU A 31 7.40 18.10 -17.13
C GLU A 31 8.46 17.51 -18.05
N ASN A 32 8.81 18.18 -19.14
CA ASN A 32 9.89 17.67 -19.99
C ASN A 32 11.22 17.64 -19.25
N GLU A 33 11.48 18.66 -18.44
CA GLU A 33 12.71 18.65 -17.64
C GLU A 33 12.72 17.47 -16.69
N ILE A 34 11.58 17.23 -16.03
CA ILE A 34 11.54 16.12 -15.08
C ILE A 34 11.63 14.78 -15.80
N ARG A 35 10.92 14.63 -16.92
CA ARG A 35 11.07 13.41 -17.72
CA ARG A 35 11.07 13.39 -17.67
C ARG A 35 12.52 13.17 -18.10
N GLY A 36 13.23 14.26 -18.44
CA GLY A 36 14.62 14.13 -18.84
C GLY A 36 15.50 13.67 -17.69
N LEU A 37 15.26 14.20 -16.48
CA LEU A 37 16.00 13.74 -15.31
C LEU A 37 15.77 12.26 -15.07
N CYS A 38 14.53 11.81 -15.19
CA CYS A 38 14.23 10.40 -14.97
C CYS A 38 14.92 9.53 -16.01
N LEU A 39 14.83 9.93 -17.27
CA LEU A 39 15.35 9.09 -18.35
C LEU A 39 16.88 9.01 -18.28
N LYS A 40 17.54 10.13 -18.02
CA LYS A 40 19.00 10.12 -18.02
CA LYS A 40 18.99 10.15 -18.01
C LYS A 40 19.55 9.48 -16.75
N SER A 41 18.89 9.68 -15.61
CA SER A 41 19.37 8.99 -14.42
C SER A 41 19.12 7.49 -14.51
N ARG A 42 18.00 7.09 -15.11
CA ARG A 42 17.74 5.66 -15.28
C ARG A 42 18.84 4.98 -16.09
N GLU A 43 19.31 5.62 -17.16
CA GLU A 43 20.42 5.08 -17.94
C GLU A 43 21.64 4.88 -17.06
N ILE A 44 21.95 5.87 -16.22
CA ILE A 44 23.13 5.80 -15.38
C ILE A 44 22.97 4.71 -14.32
N PHE A 45 21.79 4.63 -13.69
CA PHE A 45 21.54 3.55 -12.73
C PHE A 45 21.80 2.19 -13.36
N LEU A 46 21.25 1.97 -14.56
CA LEU A 46 21.42 0.66 -15.18
C LEU A 46 22.85 0.39 -15.62
N SER A 47 23.63 1.44 -15.93
CA SER A 47 25.01 1.22 -16.34
C SER A 47 25.94 0.97 -15.16
N GLN A 48 25.53 1.35 -13.97
CA GLN A 48 26.34 1.11 -12.79
C GLN A 48 25.82 -0.13 -12.06
N PRO A 49 26.64 -0.76 -11.22
CA PRO A 49 26.22 -2.04 -10.63
C PRO A 49 25.10 -1.84 -9.61
N ILE A 50 24.31 -2.91 -9.43
CA ILE A 50 23.22 -2.86 -8.45
C ILE A 50 23.75 -2.92 -7.03
N LEU A 51 24.96 -3.42 -6.84
CA LEU A 51 25.69 -3.41 -5.58
C LEU A 51 26.89 -2.51 -5.81
N LEU A 52 26.79 -1.27 -5.36
CA LEU A 52 27.82 -0.27 -5.60
C LEU A 52 29.02 -0.54 -4.73
N GLU A 53 30.21 -0.63 -5.32
CA GLU A 53 31.42 -0.70 -4.52
C GLU A 53 32.13 0.64 -4.59
N LEU A 54 32.20 1.30 -3.44
CA LEU A 54 32.61 2.71 -3.36
C LEU A 54 33.88 2.83 -2.52
N GLU A 55 34.64 3.88 -2.79
CA GLU A 55 35.77 4.23 -1.95
C GLU A 55 35.42 5.45 -1.11
N ALA A 56 35.99 5.52 0.09
CA ALA A 56 35.94 6.73 0.87
C ALA A 56 36.80 7.81 0.21
N PRO A 57 36.60 9.09 0.56
CA PRO A 57 35.68 9.69 1.52
C PRO A 57 34.28 9.92 0.94
N LEU A 58 33.28 9.93 1.79
CA LEU A 58 31.93 10.27 1.37
C LEU A 58 31.09 10.55 2.61
N LYS A 59 29.92 11.14 2.37
CA LYS A 59 28.95 11.40 3.41
C LYS A 59 27.72 10.56 3.09
N ILE A 60 27.17 9.92 4.12
CA ILE A 60 26.05 8.98 3.95
C ILE A 60 24.83 9.57 4.65
N CYS A 61 23.70 9.61 3.93
CA CYS A 61 22.48 10.20 4.46
C CYS A 61 21.34 9.19 4.42
N GLY A 62 20.46 9.28 5.42
CA GLY A 62 19.24 8.48 5.54
C GLY A 62 18.01 9.21 5.01
N ASP A 63 16.82 8.86 5.55
CA ASP A 63 15.56 9.22 4.89
C ASP A 63 15.39 10.74 4.78
N ILE A 64 14.78 11.18 3.67
CA ILE A 64 14.47 12.60 3.44
C ILE A 64 12.97 12.85 3.41
N HIS A 65 12.20 11.95 2.78
CA HIS A 65 10.74 12.02 2.76
C HIS A 65 10.24 13.42 2.42
N GLY A 66 10.74 13.95 1.30
CA GLY A 66 10.17 15.15 0.69
C GLY A 66 10.37 16.43 1.48
N GLN A 67 11.27 16.43 2.48
CA GLN A 67 11.55 17.63 3.27
C GLN A 67 12.66 18.39 2.57
N TYR A 68 12.27 19.09 1.50
CA TYR A 68 13.23 19.62 0.54
C TYR A 68 14.20 20.60 1.19
N TYR A 69 13.70 21.47 2.06
CA TYR A 69 14.58 22.46 2.65
C TYR A 69 15.53 21.85 3.67
N ASP A 70 15.17 20.69 4.23
CA ASP A 70 16.15 19.95 5.04
C ASP A 70 17.23 19.32 4.17
N LEU A 71 16.86 18.85 2.96
CA LEU A 71 17.88 18.38 2.04
C LEU A 71 18.85 19.49 1.67
N LEU A 72 18.34 20.70 1.44
CA LEU A 72 19.23 21.83 1.11
C LEU A 72 20.15 22.15 2.29
N ARG A 73 19.63 22.03 3.51
CA ARG A 73 20.47 22.24 4.70
C ARG A 73 21.54 21.17 4.80
N LEU A 74 21.21 19.91 4.50
CA LEU A 74 22.23 18.86 4.48
C LEU A 74 23.39 19.24 3.56
N PHE A 75 23.07 19.73 2.36
CA PHE A 75 24.12 20.10 1.42
C PHE A 75 24.86 21.34 1.91
N GLU A 76 24.13 22.28 2.52
CA GLU A 76 24.76 23.50 3.00
C GLU A 76 25.80 23.18 4.07
N TYR A 77 25.46 22.27 4.98
CA TYR A 77 26.38 21.93 6.07
C TYR A 77 27.39 20.86 5.67
N GLY A 78 27.01 19.92 4.80
CA GLY A 78 27.93 18.87 4.40
C GLY A 78 28.80 19.25 3.21
N GLY A 79 28.42 20.30 2.48
CA GLY A 79 29.13 20.66 1.27
C GLY A 79 28.32 20.36 0.02
N PHE A 80 28.05 21.34 -0.82
CA PHE A 80 27.29 21.05 -2.03
C PHE A 80 28.15 20.24 -2.99
N PRO A 81 27.56 19.24 -3.65
CA PRO A 81 28.30 18.54 -4.72
C PRO A 81 28.89 19.56 -5.67
N PRO A 82 30.14 19.36 -6.13
CA PRO A 82 30.99 18.19 -5.89
C PRO A 82 32.01 18.39 -4.77
N GLU A 83 31.76 19.33 -3.84
CA GLU A 83 32.69 19.54 -2.74
C GLU A 83 32.77 18.31 -1.84
N SER A 84 31.67 17.58 -1.70
CA SER A 84 31.66 16.33 -0.96
C SER A 84 31.02 15.27 -1.83
N ASN A 85 31.39 14.02 -1.58
CA ASN A 85 30.81 12.85 -2.20
C ASN A 85 29.64 12.38 -1.35
N TYR A 86 28.58 11.87 -1.98
CA TYR A 86 27.38 11.49 -1.23
C TYR A 86 26.88 10.12 -1.60
N LEU A 87 26.40 9.39 -0.59
CA LEU A 87 25.57 8.20 -0.75
C LEU A 87 24.28 8.39 0.04
N PHE A 88 23.14 8.36 -0.63
CA PHE A 88 21.85 8.42 0.03
C PHE A 88 21.25 7.01 0.12
N LEU A 89 20.55 6.72 1.22
CA LEU A 89 20.07 5.37 1.49
C LEU A 89 18.60 5.14 1.13
N GLY A 90 17.92 6.09 0.50
CA GLY A 90 16.55 5.87 0.05
C GLY A 90 15.50 6.68 0.81
N ASP A 91 14.23 6.43 0.46
CA ASP A 91 13.08 7.13 1.02
C ASP A 91 13.20 8.64 0.80
N TYR A 92 13.26 8.99 -0.48
CA TYR A 92 13.31 10.39 -0.92
C TYR A 92 11.93 11.02 -0.93
N VAL A 93 10.89 10.22 -1.19
CA VAL A 93 9.56 10.72 -1.46
C VAL A 93 8.61 10.26 -0.36
N ASP A 94 7.39 10.81 -0.39
CA ASP A 94 6.26 10.52 0.50
C ASP A 94 6.36 11.30 1.81
N ARG A 95 5.19 11.53 2.42
CA ARG A 95 5.00 12.15 3.74
C ARG A 95 5.26 13.66 3.75
N GLY A 96 6.39 14.11 3.22
CA GLY A 96 6.70 15.52 3.16
C GLY A 96 5.92 16.25 2.08
N LYS A 97 6.10 17.56 2.04
CA LYS A 97 5.35 18.41 1.13
C LYS A 97 6.02 18.62 -0.21
N GLN A 98 7.30 18.31 -0.35
CA GLN A 98 8.05 18.64 -1.55
C GLN A 98 8.89 17.44 -2.00
N SER A 99 8.20 16.32 -2.22
CA SER A 99 8.87 15.15 -2.78
C SER A 99 9.45 15.44 -4.15
N LEU A 100 8.75 16.23 -4.98
CA LEU A 100 9.21 16.46 -6.35
C LEU A 100 10.52 17.22 -6.37
N GLU A 101 10.61 18.34 -5.65
CA GLU A 101 11.88 19.08 -5.60
C GLU A 101 13.00 18.21 -5.06
N THR A 102 12.70 17.44 -4.01
CA THR A 102 13.69 16.55 -3.40
C THR A 102 14.25 15.55 -4.42
N ILE A 103 13.37 14.79 -5.07
CA ILE A 103 13.90 13.77 -5.96
C ILE A 103 14.54 14.40 -7.19
N CYS A 104 13.99 15.52 -7.69
CA CYS A 104 14.58 16.13 -8.88
C CYS A 104 15.99 16.65 -8.61
N LEU A 105 16.24 17.24 -7.43
CA LEU A 105 17.60 17.67 -7.14
C LEU A 105 18.55 16.48 -7.03
N LEU A 106 18.10 15.38 -6.36
CA LEU A 106 18.95 14.20 -6.22
C LEU A 106 19.26 13.57 -7.58
N LEU A 107 18.26 13.49 -8.47
CA LEU A 107 18.51 12.92 -9.80
C LEU A 107 19.42 13.85 -10.61
N ALA A 108 19.23 15.16 -10.48
CA ALA A 108 20.09 16.08 -11.22
C ALA A 108 21.54 15.94 -10.79
N TYR A 109 21.78 15.84 -9.48
CA TYR A 109 23.15 15.66 -9.01
C TYR A 109 23.71 14.30 -9.43
N LYS A 110 22.87 13.27 -9.44
CA LYS A 110 23.33 11.98 -9.95
C LYS A 110 23.80 12.09 -11.40
N ILE A 111 23.05 12.80 -12.25
CA ILE A 111 23.45 12.97 -13.64
C ILE A 111 24.69 13.84 -13.74
N LYS A 112 24.76 14.89 -12.93
CA LYS A 112 25.86 15.85 -13.04
C LYS A 112 27.18 15.25 -12.55
N TYR A 113 27.15 14.44 -11.48
CA TYR A 113 28.36 13.90 -10.85
C TYR A 113 28.19 12.39 -10.67
N PRO A 114 28.14 11.63 -11.78
CA PRO A 114 27.67 10.23 -11.73
C PRO A 114 28.58 9.28 -10.96
N GLU A 115 29.86 9.60 -10.76
CA GLU A 115 30.76 8.72 -10.03
C GLU A 115 31.14 9.30 -8.69
N ASN A 116 30.44 10.35 -8.25
CA ASN A 116 30.70 10.96 -6.96
C ASN A 116 29.43 11.21 -6.17
N PHE A 117 28.29 10.73 -6.65
CA PHE A 117 26.99 10.98 -6.04
C PHE A 117 26.16 9.73 -6.29
N PHE A 118 25.57 9.15 -5.24
CA PHE A 118 24.90 7.86 -5.35
C PHE A 118 23.60 7.83 -4.57
N LEU A 119 22.61 7.12 -5.13
CA LEU A 119 21.29 6.98 -4.56
C LEU A 119 20.93 5.50 -4.49
N LEU A 120 20.59 5.00 -3.30
CA LEU A 120 20.04 3.66 -3.14
C LEU A 120 18.50 3.71 -3.13
N ARG A 121 17.89 2.55 -3.35
CA ARG A 121 16.44 2.42 -3.29
C ARG A 121 15.96 2.19 -1.85
N GLY A 122 14.95 2.98 -1.42
CA GLY A 122 14.25 2.71 -0.18
C GLY A 122 12.90 2.06 -0.47
N ASN A 123 12.21 1.67 0.61
CA ASN A 123 10.92 1.00 0.37
C ASN A 123 9.86 1.97 -0.16
N HIS A 124 10.05 3.29 -0.04
CA HIS A 124 9.10 4.21 -0.67
C HIS A 124 9.40 4.50 -2.13
N GLU A 125 10.52 4.03 -2.68
CA GLU A 125 10.75 4.12 -4.13
C GLU A 125 10.11 2.92 -4.81
N CYS A 126 8.80 2.83 -4.63
CA CYS A 126 8.01 1.67 -5.02
C CYS A 126 6.58 2.15 -5.23
N ALA A 127 6.02 1.90 -6.43
CA ALA A 127 4.72 2.49 -6.78
C ALA A 127 3.60 2.05 -5.82
N SER A 128 3.62 0.81 -5.35
CA SER A 128 2.48 0.43 -4.51
C SER A 128 2.54 1.08 -3.13
N ILE A 129 3.70 1.58 -2.72
CA ILE A 129 3.80 2.36 -1.49
C ILE A 129 3.55 3.84 -1.75
N ASN A 130 4.26 4.42 -2.74
CA ASN A 130 4.17 5.86 -2.85
C ASN A 130 2.93 6.31 -3.61
N ARG A 131 2.11 5.39 -4.14
CA ARG A 131 0.76 5.75 -4.56
C ARG A 131 -0.07 6.24 -3.38
N ILE A 132 0.22 5.71 -2.19
CA ILE A 132 -0.61 5.91 -1.01
C ILE A 132 -0.08 7.02 -0.12
N TYR A 133 1.23 7.07 0.07
CA TYR A 133 1.79 7.90 1.12
C TYR A 133 2.20 9.30 0.66
N GLY A 134 1.77 9.75 -0.53
CA GLY A 134 1.89 11.16 -0.83
C GLY A 134 2.42 11.52 -2.21
N PHE A 135 3.34 10.70 -2.73
CA PHE A 135 4.07 11.09 -3.93
C PHE A 135 3.15 11.12 -5.15
N TYR A 136 2.31 10.07 -5.31
CA TYR A 136 1.37 10.10 -6.42
C TYR A 136 0.44 11.31 -6.33
N ASP A 137 -0.05 11.63 -5.15
CA ASP A 137 -0.93 12.79 -5.01
C ASP A 137 -0.22 14.07 -5.41
N GLU A 138 1.05 14.21 -5.02
CA GLU A 138 1.84 15.38 -5.43
C GLU A 138 2.03 15.42 -6.95
N CYS A 139 2.38 14.29 -7.56
CA CYS A 139 2.51 14.26 -9.01
C CYS A 139 1.20 14.63 -9.71
N LYS A 140 0.09 14.06 -9.24
CA LYS A 140 -1.20 14.31 -9.88
C LYS A 140 -1.60 15.77 -9.74
N ARG A 141 -1.32 16.37 -8.58
CA ARG A 141 -1.69 17.76 -8.35
C ARG A 141 -0.82 18.71 -9.18
N ARG A 142 0.48 18.48 -9.22
CA ARG A 142 1.40 19.45 -9.81
C ARG A 142 1.77 19.16 -11.26
N TYR A 143 1.56 17.92 -11.73
CA TYR A 143 1.87 17.49 -13.08
C TYR A 143 0.70 16.63 -13.58
N ASN A 144 0.91 15.33 -13.74
CA ASN A 144 -0.14 14.42 -14.21
C ASN A 144 0.28 13.00 -13.86
N ILE A 145 -0.64 12.05 -14.10
CA ILE A 145 -0.39 10.64 -13.77
C ILE A 145 0.72 10.06 -14.62
N LYS A 146 0.83 10.46 -15.89
CA LYS A 146 1.89 9.90 -16.73
C LYS A 146 3.28 10.16 -16.15
N LEU A 147 3.47 11.32 -15.52
CA LEU A 147 4.77 11.63 -14.95
C LEU A 147 5.07 10.74 -13.74
N TRP A 148 4.03 10.43 -12.95
CA TRP A 148 4.22 9.49 -11.82
C TRP A 148 4.70 8.14 -12.35
N LYS A 149 4.11 7.67 -13.44
CA LYS A 149 4.53 6.39 -14.00
C LYS A 149 5.97 6.45 -14.52
N THR A 150 6.38 7.60 -15.07
CA THR A 150 7.77 7.77 -15.46
C THR A 150 8.71 7.66 -14.25
N PHE A 151 8.34 8.27 -13.13
CA PHE A 151 9.15 8.09 -11.91
C PHE A 151 9.26 6.62 -11.53
N THR A 152 8.15 5.90 -11.57
CA THR A 152 8.18 4.49 -11.18
C THR A 152 9.18 3.70 -12.03
N ASP A 153 9.20 3.96 -13.34
CA ASP A 153 10.15 3.24 -14.19
C ASP A 153 11.59 3.58 -13.84
N CYS A 154 11.84 4.81 -13.37
CA CYS A 154 13.17 5.21 -12.94
C CYS A 154 13.53 4.53 -11.61
N PHE A 155 12.63 4.61 -10.63
CA PHE A 155 12.87 3.99 -9.32
C PHE A 155 13.09 2.49 -9.43
N ASN A 156 12.43 1.84 -10.39
CA ASN A 156 12.60 0.40 -10.54
C ASN A 156 14.01 0.01 -10.95
N CYS A 157 14.85 0.98 -11.30
CA CYS A 157 16.23 0.73 -11.69
C CYS A 157 17.24 1.21 -10.66
N LEU A 158 16.82 1.71 -9.49
CA LEU A 158 17.80 2.16 -8.50
C LEU A 158 18.64 0.98 -8.00
N PRO A 159 19.91 1.20 -7.68
CA PRO A 159 20.70 0.16 -7.01
C PRO A 159 20.21 -0.07 -5.58
N ILE A 160 20.63 -1.20 -5.00
CA ILE A 160 20.01 -1.74 -3.81
C ILE A 160 20.93 -1.69 -2.59
N ALA A 161 22.25 -1.72 -2.79
CA ALA A 161 23.17 -1.73 -1.65
C ALA A 161 24.50 -1.16 -2.11
N ALA A 162 25.34 -0.82 -1.14
CA ALA A 162 26.69 -0.35 -1.40
C ALA A 162 27.64 -0.91 -0.35
N ILE A 163 28.89 -1.10 -0.75
CA ILE A 163 29.94 -1.46 0.19
C ILE A 163 31.08 -0.46 0.04
N VAL A 164 31.40 0.23 1.13
CA VAL A 164 32.46 1.24 1.13
C VAL A 164 33.76 0.57 1.58
N ASP A 165 34.76 0.56 0.69
CA ASP A 165 36.12 0.08 0.99
C ASP A 165 36.11 -1.28 1.67
N GLU A 166 35.22 -2.15 1.21
CA GLU A 166 35.11 -3.53 1.66
C GLU A 166 34.80 -3.64 3.14
N LYS A 167 34.35 -2.56 3.79
CA LYS A 167 34.13 -2.62 5.24
C LYS A 167 32.77 -2.11 5.73
N ILE A 168 32.10 -1.21 5.00
CA ILE A 168 30.81 -0.64 5.43
C ILE A 168 29.74 -1.12 4.46
N PHE A 169 28.81 -1.94 4.94
CA PHE A 169 27.71 -2.43 4.12
C PHE A 169 26.49 -1.52 4.33
N CYS A 170 25.95 -0.99 3.24
CA CYS A 170 24.92 0.05 3.27
C CYS A 170 23.68 -0.42 2.53
N CYS A 171 22.52 -0.25 3.14
CA CYS A 171 21.26 -0.52 2.45
C CYS A 171 20.19 0.24 3.22
N HIS A 172 18.99 0.30 2.64
CA HIS A 172 17.94 1.10 3.30
C HIS A 172 17.43 0.42 4.55
N GLY A 173 16.99 -0.83 4.43
CA GLY A 173 16.33 -1.51 5.52
C GLY A 173 17.31 -2.32 6.35
N GLY A 174 17.66 -3.53 5.92
CA GLY A 174 18.65 -4.26 6.69
C GLY A 174 18.97 -5.62 6.13
N LEU A 175 19.34 -6.54 7.00
CA LEU A 175 19.77 -7.87 6.59
C LEU A 175 18.57 -8.73 6.22
N SER A 176 18.88 -9.86 5.60
CA SER A 176 17.90 -10.80 5.11
C SER A 176 18.33 -12.20 5.54
N PRO A 177 17.40 -13.04 5.98
CA PRO A 177 17.77 -14.45 6.21
C PRO A 177 18.15 -15.16 4.92
N ASP A 178 17.86 -14.57 3.76
CA ASP A 178 18.20 -15.15 2.47
C ASP A 178 19.48 -14.55 1.88
N LEU A 179 20.21 -13.76 2.63
CA LEU A 179 21.45 -13.16 2.14
C LEU A 179 22.61 -14.00 2.65
N GLN A 180 23.09 -14.93 1.83
CA GLN A 180 24.27 -15.72 2.15
C GLN A 180 25.52 -15.20 1.48
N SER A 181 25.41 -14.72 0.24
CA SER A 181 26.52 -14.22 -0.53
C SER A 181 26.14 -12.90 -1.19
N MET A 182 27.10 -11.96 -1.25
CA MET A 182 26.85 -10.72 -1.98
C MET A 182 26.49 -10.99 -3.43
N GLU A 183 26.85 -12.16 -3.96
CA GLU A 183 26.50 -12.44 -5.36
C GLU A 183 25.00 -12.50 -5.56
N GLN A 184 24.24 -12.86 -4.51
CA GLN A 184 22.79 -12.89 -4.64
C GLN A 184 22.23 -11.50 -4.89
N ILE A 185 22.85 -10.45 -4.32
CA ILE A 185 22.43 -9.08 -4.63
C ILE A 185 22.80 -8.75 -6.07
N ARG A 186 24.05 -9.06 -6.46
CA ARG A 186 24.52 -8.77 -7.80
C ARG A 186 23.68 -9.45 -8.87
N ARG A 187 23.03 -10.57 -8.52
CA ARG A 187 22.25 -11.32 -9.50
C ARG A 187 20.84 -10.76 -9.70
N ILE A 188 20.41 -9.80 -8.89
CA ILE A 188 19.07 -9.21 -9.06
C ILE A 188 19.05 -8.38 -10.33
N MET A 189 18.04 -8.60 -11.17
CA MET A 189 17.93 -7.92 -12.45
C MET A 189 16.99 -6.71 -12.37
N ARG A 190 17.33 -5.67 -13.14
CA ARG A 190 16.54 -4.45 -13.17
C ARG A 190 16.10 -4.15 -14.60
N PRO A 191 14.95 -3.46 -14.79
CA PRO A 191 14.05 -2.94 -13.75
C PRO A 191 13.31 -4.04 -12.99
N THR A 192 12.95 -3.73 -11.75
CA THR A 192 12.18 -4.67 -10.93
C THR A 192 11.33 -3.87 -9.97
N ASP A 193 10.16 -4.42 -9.64
CA ASP A 193 9.40 -3.95 -8.51
C ASP A 193 10.00 -4.54 -7.23
N VAL A 194 9.55 -4.07 -6.07
CA VAL A 194 9.94 -4.63 -4.79
C VAL A 194 8.94 -5.75 -4.46
N PRO A 195 9.39 -7.00 -4.28
CA PRO A 195 8.45 -8.08 -3.98
C PRO A 195 7.96 -7.99 -2.54
N ASP A 196 6.94 -8.81 -2.25
CA ASP A 196 6.36 -8.82 -0.91
C ASP A 196 7.17 -9.63 0.10
N GLN A 197 8.11 -10.43 -0.38
CA GLN A 197 8.97 -11.21 0.51
C GLN A 197 10.24 -11.55 -0.26
N GLY A 198 11.26 -11.96 0.47
CA GLY A 198 12.51 -12.37 -0.15
C GLY A 198 13.59 -11.34 0.04
N LEU A 199 14.74 -11.64 -0.58
CA LEU A 199 15.96 -10.86 -0.37
C LEU A 199 15.76 -9.36 -0.62
N LEU A 200 15.22 -9.01 -1.79
CA LEU A 200 15.10 -7.60 -2.14
C LEU A 200 14.15 -6.88 -1.20
N CYS A 201 13.05 -7.55 -0.83
CA CYS A 201 12.13 -7.01 0.16
C CYS A 201 12.84 -6.71 1.47
N ASP A 202 13.59 -7.69 1.98
CA ASP A 202 14.26 -7.54 3.27
C ASP A 202 15.28 -6.41 3.25
N LEU A 203 16.04 -6.27 2.16
CA LEU A 203 17.06 -5.23 2.10
C LEU A 203 16.44 -3.85 2.21
N LEU A 204 15.17 -3.71 1.85
CA LEU A 204 14.48 -2.41 1.87
C LEU A 204 13.54 -2.25 3.06
N TRP A 205 13.28 -3.33 3.82
CA TRP A 205 12.23 -3.33 4.85
C TRP A 205 12.63 -3.81 6.24
N SER A 206 13.71 -4.59 6.42
CA SER A 206 13.93 -5.19 7.74
C SER A 206 14.49 -4.18 8.74
N ASP A 207 14.43 -4.52 10.03
CA ASP A 207 14.88 -3.64 11.11
C ASP A 207 15.69 -4.43 12.11
N PRO A 208 16.66 -3.81 12.75
CA PRO A 208 17.31 -4.43 13.91
C PRO A 208 16.41 -4.33 15.13
N ASP A 209 16.52 -5.32 16.02
CA ASP A 209 15.72 -5.27 17.25
C ASP A 209 16.57 -5.82 18.40
N LYS A 210 16.67 -5.02 19.45
CA LYS A 210 17.46 -5.39 20.63
C LYS A 210 16.88 -6.58 21.39
N ASP A 211 15.60 -6.88 21.22
CA ASP A 211 14.94 -7.91 22.01
C ASP A 211 14.80 -9.25 21.32
N VAL A 212 15.10 -9.34 20.03
CA VAL A 212 14.92 -10.59 19.31
C VAL A 212 16.23 -11.34 19.32
N GLN A 213 16.12 -12.66 19.33
CA GLN A 213 17.26 -13.56 19.18
C GLN A 213 17.07 -14.22 17.82
N GLY A 214 17.98 -13.92 16.91
CA GLY A 214 17.84 -14.44 15.56
C GLY A 214 16.95 -13.54 14.73
N TRP A 215 15.97 -14.14 14.05
CA TRP A 215 15.04 -13.45 13.16
C TRP A 215 13.65 -13.48 13.76
N GLY A 216 12.95 -12.34 13.75
CA GLY A 216 11.61 -12.26 14.28
C GLY A 216 10.66 -11.63 13.27
N GLU A 217 9.37 -11.65 13.62
CA GLU A 217 8.34 -11.00 12.80
C GLU A 217 8.45 -9.48 12.96
N ASN A 218 8.36 -8.78 11.84
CA ASN A 218 8.47 -7.32 11.86
C ASN A 218 7.09 -6.71 12.08
N ASP A 219 7.01 -5.78 13.04
CA ASP A 219 5.77 -5.10 13.36
C ASP A 219 5.16 -4.36 12.18
N ARG A 220 5.98 -4.01 11.18
CA ARG A 220 5.45 -3.39 9.98
C ARG A 220 4.46 -4.27 9.22
N GLY A 221 4.50 -5.59 9.43
CA GLY A 221 3.74 -6.52 8.63
C GLY A 221 4.44 -6.99 7.37
N VAL A 222 5.66 -6.51 7.12
CA VAL A 222 6.52 -6.91 6.01
C VAL A 222 7.87 -7.31 6.59
N SER A 223 8.48 -8.36 6.04
CA SER A 223 9.89 -8.72 6.31
C SER A 223 10.08 -9.10 7.79
N PHE A 224 11.28 -8.84 8.33
CA PHE A 224 11.75 -9.41 9.58
C PHE A 224 12.45 -8.37 10.44
N THR A 225 12.61 -8.72 11.72
CA THR A 225 13.61 -8.10 12.59
C THR A 225 14.78 -9.06 12.73
N PHE A 226 15.94 -8.51 13.07
CA PHE A 226 17.13 -9.33 13.32
C PHE A 226 17.84 -8.79 14.55
N GLY A 227 18.48 -9.68 15.30
CA GLY A 227 19.12 -9.32 16.55
C GLY A 227 20.61 -9.03 16.42
N ALA A 228 21.23 -8.76 17.58
CA ALA A 228 22.63 -8.33 17.59
C ALA A 228 23.57 -9.45 17.19
N GLU A 229 23.21 -10.71 17.45
CA GLU A 229 24.10 -11.81 17.07
C GLU A 229 24.03 -12.10 15.57
N VAL A 230 22.88 -11.85 14.95
CA VAL A 230 22.82 -11.92 13.50
C VAL A 230 23.80 -10.92 12.89
N VAL A 231 23.85 -9.70 13.45
CA VAL A 231 24.75 -8.68 12.93
C VAL A 231 26.19 -9.12 13.09
N ALA A 232 26.57 -9.62 14.27
CA ALA A 232 27.95 -10.02 14.49
C ALA A 232 28.38 -11.11 13.52
N LYS A 233 27.52 -12.13 13.33
CA LYS A 233 27.86 -13.24 12.44
C LYS A 233 28.00 -12.78 11.01
N PHE A 234 27.13 -11.86 10.58
CA PHE A 234 27.20 -11.34 9.21
C PHE A 234 28.48 -10.58 8.97
N LEU A 235 28.85 -9.70 9.91
CA LEU A 235 30.09 -8.95 9.76
C LEU A 235 31.30 -9.87 9.72
N HIS A 236 31.35 -10.87 10.61
CA HIS A 236 32.49 -11.76 10.64
C HIS A 236 32.57 -12.57 9.35
N LYS A 237 31.43 -13.13 8.92
CA LYS A 237 31.44 -13.97 7.74
C LYS A 237 31.89 -13.19 6.51
N HIS A 238 31.53 -11.92 6.40
CA HIS A 238 31.83 -11.14 5.20
C HIS A 238 33.01 -10.20 5.38
N ASP A 239 33.73 -10.29 6.50
CA ASP A 239 34.88 -9.43 6.78
C ASP A 239 34.50 -7.95 6.66
N LEU A 240 33.36 -7.59 7.25
CA LEU A 240 32.92 -6.20 7.32
C LEU A 240 33.07 -5.67 8.74
N ASP A 241 33.09 -4.34 8.86
CA ASP A 241 33.15 -3.67 10.15
C ASP A 241 31.84 -3.07 10.60
N LEU A 242 30.98 -2.66 9.68
CA LEU A 242 29.82 -1.84 10.04
C LEU A 242 28.69 -2.06 9.05
N ILE A 243 27.46 -2.15 9.55
CA ILE A 243 26.26 -2.00 8.71
C ILE A 243 25.75 -0.58 8.90
N CYS A 244 25.46 0.11 7.79
CA CYS A 244 24.91 1.46 7.83
C CYS A 244 23.58 1.42 7.09
N ARG A 245 22.50 1.77 7.77
CA ARG A 245 21.16 1.67 7.18
C ARG A 245 20.31 2.84 7.67
N ALA A 246 19.05 2.87 7.25
CA ALA A 246 18.20 4.02 7.55
C ALA A 246 16.83 3.53 8.00
N HIS A 247 15.73 4.02 7.40
CA HIS A 247 14.43 3.35 7.47
C HIS A 247 13.66 3.55 8.79
N GLN A 248 14.33 3.88 9.89
CA GLN A 248 13.67 4.11 11.17
C GLN A 248 14.01 5.51 11.68
N VAL A 249 13.00 6.25 12.13
CA VAL A 249 13.29 7.53 12.75
C VAL A 249 13.95 7.30 14.10
N VAL A 250 15.02 8.04 14.36
CA VAL A 250 15.78 7.93 15.60
C VAL A 250 16.00 9.34 16.15
N GLU A 251 15.90 9.47 17.49
CA GLU A 251 15.75 10.79 18.11
C GLU A 251 16.94 11.69 17.83
N ASP A 252 18.15 11.14 17.78
CA ASP A 252 19.34 11.96 17.59
C ASP A 252 19.82 11.97 16.15
N GLY A 253 19.03 11.46 15.21
CA GLY A 253 19.45 11.45 13.81
C GLY A 253 20.30 10.25 13.44
N TYR A 254 21.10 9.74 14.38
CA TYR A 254 21.79 8.48 14.20
C TYR A 254 21.59 7.65 15.47
N GLU A 255 21.74 6.34 15.33
CA GLU A 255 21.59 5.49 16.49
C GLU A 255 22.36 4.19 16.29
N PHE A 256 23.24 3.89 17.23
CA PHE A 256 24.02 2.67 17.20
C PHE A 256 23.19 1.47 17.66
N PHE A 257 23.60 0.28 17.18
CA PHE A 257 23.03 -1.00 17.53
C PHE A 257 24.16 -2.02 17.64
N ALA A 258 24.07 -2.92 18.63
CA ALA A 258 25.02 -4.02 18.77
C ALA A 258 26.47 -3.52 18.89
N LYS A 259 26.69 -2.64 19.87
CA LYS A 259 28.03 -2.11 20.16
C LYS A 259 28.76 -1.60 18.91
N ARG A 260 28.16 -0.57 18.29
CA ARG A 260 28.65 0.11 17.09
C ARG A 260 28.87 -0.81 15.88
N GLN A 261 28.31 -2.02 15.86
CA GLN A 261 28.41 -2.83 14.66
C GLN A 261 27.40 -2.42 13.60
N LEU A 262 26.35 -1.70 13.99
CA LEU A 262 25.35 -1.20 13.05
C LEU A 262 24.97 0.22 13.46
N VAL A 263 24.71 1.07 12.47
CA VAL A 263 24.20 2.41 12.76
C VAL A 263 23.00 2.65 11.88
N THR A 264 21.98 3.30 12.45
CA THR A 264 20.81 3.76 11.72
C THR A 264 20.96 5.27 11.50
N LEU A 265 20.76 5.72 10.26
CA LEU A 265 20.79 7.15 9.93
C LEU A 265 19.41 7.60 9.49
N PHE A 266 18.98 8.78 9.95
CA PHE A 266 17.71 9.34 9.52
C PHE A 266 17.92 10.83 9.32
N SER A 267 17.60 11.36 8.13
CA SER A 267 18.09 12.70 7.79
C SER A 267 16.99 13.76 7.71
N ALA A 268 15.77 13.43 8.12
CA ALA A 268 14.65 14.37 8.07
C ALA A 268 14.31 14.84 9.51
N PRO A 269 14.79 16.01 9.93
CA PRO A 269 14.49 16.47 11.30
C PRO A 269 13.00 16.74 11.49
N ASN A 270 12.54 16.59 12.74
CA ASN A 270 11.14 16.81 13.12
C ASN A 270 10.19 16.15 12.12
N TYR A 271 10.46 14.89 11.85
CA TYR A 271 9.83 14.12 10.79
C TYR A 271 8.31 14.19 10.86
N CYS A 272 7.72 14.66 9.76
CA CYS A 272 6.29 14.92 9.54
C CYS A 272 5.77 16.13 10.31
N GLY A 273 6.64 16.91 10.93
CA GLY A 273 6.20 17.88 11.91
C GLY A 273 5.63 17.27 13.17
N GLU A 274 5.80 15.97 13.36
CA GLU A 274 5.21 15.21 14.46
C GLU A 274 6.23 14.80 15.50
N PHE A 275 7.45 14.47 15.08
CA PHE A 275 8.51 13.99 15.94
C PHE A 275 9.42 15.15 16.29
N ASP A 276 10.18 15.01 17.38
CA ASP A 276 11.18 16.03 17.66
C ASP A 276 12.56 15.42 17.54
N ASN A 277 12.84 14.85 16.37
CA ASN A 277 14.10 14.20 16.13
C ASN A 277 15.03 15.12 15.36
N ALA A 278 16.32 14.87 15.53
CA ALA A 278 17.31 15.50 14.68
C ALA A 278 17.46 14.66 13.41
N GLY A 279 18.10 15.25 12.41
CA GLY A 279 18.59 14.50 11.26
C GLY A 279 20.09 14.37 11.37
N ALA A 280 20.65 13.32 10.79
CA ALA A 280 22.10 13.18 10.82
C ALA A 280 22.59 12.67 9.47
N MET A 281 23.84 13.00 9.16
CA MET A 281 24.58 12.29 8.13
C MET A 281 25.89 11.83 8.73
N MET A 282 26.45 10.77 8.15
CA MET A 282 27.71 10.21 8.63
C MET A 282 28.81 10.52 7.63
N SER A 283 29.86 11.20 8.10
CA SER A 283 31.03 11.44 7.28
C SER A 283 32.00 10.27 7.47
N VAL A 284 32.53 9.79 6.36
CA VAL A 284 33.50 8.70 6.34
C VAL A 284 34.74 9.28 5.67
N ASP A 285 35.85 9.42 6.41
CA ASP A 285 37.02 9.99 5.77
C ASP A 285 37.84 8.88 5.11
N GLU A 286 38.98 9.26 4.52
CA GLU A 286 39.75 8.32 3.72
C GLU A 286 40.24 7.12 4.52
N THR A 287 40.40 7.24 5.84
CA THR A 287 40.82 6.13 6.68
C THR A 287 39.64 5.40 7.34
N LEU A 288 38.41 5.68 6.89
CA LEU A 288 37.19 5.11 7.47
C LEU A 288 37.03 5.55 8.93
N MET A 289 37.52 6.74 9.25
CA MET A 289 37.10 7.41 10.46
C MET A 289 35.70 7.96 10.23
N CYS A 290 34.76 7.58 11.09
CA CYS A 290 33.34 7.89 10.90
C CYS A 290 32.88 8.84 11.99
N SER A 291 32.15 9.88 11.60
CA SER A 291 31.61 10.83 12.57
C SER A 291 30.26 11.29 12.07
N PHE A 292 29.53 12.02 12.92
CA PHE A 292 28.18 12.45 12.58
C PHE A 292 28.04 13.96 12.56
N GLN A 293 27.37 14.46 11.53
CA GLN A 293 26.91 15.85 11.50
C GLN A 293 25.40 15.84 11.76
N ILE A 294 24.97 16.62 12.75
CA ILE A 294 23.62 16.54 13.31
C ILE A 294 22.91 17.85 13.02
N LEU A 295 21.73 17.78 12.38
CA LEU A 295 20.93 18.94 12.00
C LEU A 295 19.66 18.99 12.85
N LYS A 296 19.45 20.09 13.56
CA LYS A 296 18.31 20.20 14.48
C LYS A 296 17.75 21.61 14.47
N PRO A 297 16.43 21.79 14.48
CA PRO A 297 15.91 23.14 14.69
C PRO A 297 16.30 23.65 16.06
N ALA A 298 16.61 24.94 16.12
CA ALA A 298 16.95 25.58 17.39
C ALA A 298 15.73 25.60 18.32
N ASP A 299 15.97 25.43 19.62
CA ASP A 299 14.88 25.43 20.60
C ASP A 299 15.25 26.32 21.78
N SER B 5 -13.60 -29.13 16.12
CA SER B 5 -15.02 -28.83 16.22
C SER B 5 -15.26 -27.35 16.49
N LEU B 6 -15.81 -26.67 15.49
CA LEU B 6 -16.09 -25.24 15.57
C LEU B 6 -17.48 -25.04 16.16
N ASN B 7 -17.57 -24.40 17.34
CA ASN B 7 -18.87 -24.12 17.93
C ASN B 7 -19.45 -22.87 17.28
N LEU B 8 -19.94 -23.07 16.06
CA LEU B 8 -20.37 -21.97 15.21
C LEU B 8 -21.59 -21.26 15.79
N ASP B 9 -22.54 -22.01 16.36
CA ASP B 9 -23.69 -21.35 16.96
C ASP B 9 -23.28 -20.48 18.15
N SER B 10 -22.31 -20.94 18.95
CA SER B 10 -21.81 -20.13 20.07
C SER B 10 -21.15 -18.85 19.57
N ILE B 11 -20.28 -18.98 18.57
CA ILE B 11 -19.64 -17.80 17.96
C ILE B 11 -20.69 -16.81 17.46
N ILE B 12 -21.64 -17.28 16.64
CA ILE B 12 -22.66 -16.37 16.09
C ILE B 12 -23.44 -15.71 17.22
N GLY B 13 -23.83 -16.49 18.23
CA GLY B 13 -24.57 -15.91 19.34
C GLY B 13 -23.82 -14.81 20.05
N ARG B 14 -22.51 -15.00 20.26
CA ARG B 14 -21.74 -13.95 20.92
C ARG B 14 -21.58 -12.72 20.03
N LEU B 15 -21.46 -12.93 18.71
CA LEU B 15 -21.38 -11.81 17.78
C LEU B 15 -22.67 -10.99 17.78
N LEU B 16 -23.82 -11.65 17.88
CA LEU B 16 -25.09 -10.94 17.81
C LEU B 16 -25.53 -10.32 19.13
N GLU B 17 -25.02 -10.80 20.26
CA GLU B 17 -25.59 -10.37 21.54
C GLU B 17 -25.24 -8.94 21.91
N VAL B 18 -24.30 -8.30 21.19
CA VAL B 18 -24.01 -6.89 21.48
C VAL B 18 -24.99 -5.95 20.80
N GLN B 19 -25.93 -6.46 20.02
CA GLN B 19 -26.94 -5.58 19.45
C GLN B 19 -27.68 -4.87 20.58
N GLY B 20 -27.77 -3.55 20.49
CA GLY B 20 -28.37 -2.76 21.55
C GLY B 20 -27.45 -2.38 22.69
N SER B 21 -26.23 -2.90 22.75
CA SER B 21 -25.29 -2.45 23.75
C SER B 21 -24.72 -1.09 23.34
N ARG B 22 -23.81 -0.56 24.16
CA ARG B 22 -23.13 0.69 23.82
C ARG B 22 -22.54 0.60 22.41
N PRO B 23 -22.74 1.61 21.57
CA PRO B 23 -22.19 1.54 20.20
C PRO B 23 -20.68 1.35 20.24
N GLY B 24 -20.19 0.47 19.38
CA GLY B 24 -18.78 0.15 19.32
C GLY B 24 -18.29 -0.85 20.36
N LYS B 25 -19.18 -1.48 21.12
CA LYS B 25 -18.75 -2.50 22.07
C LYS B 25 -18.15 -3.67 21.29
N ASN B 26 -16.97 -4.13 21.71
CA ASN B 26 -16.29 -5.21 21.00
C ASN B 26 -16.88 -6.58 21.32
N VAL B 27 -16.72 -7.49 20.37
CA VAL B 27 -16.88 -8.92 20.63
C VAL B 27 -15.52 -9.53 20.37
N GLN B 28 -14.92 -10.08 21.43
CA GLN B 28 -13.56 -10.60 21.36
C GLN B 28 -13.66 -12.12 21.36
N LEU B 29 -13.64 -12.71 20.17
CA LEU B 29 -13.57 -14.15 20.03
C LEU B 29 -12.17 -14.66 20.39
N THR B 30 -12.04 -15.97 20.58
CA THR B 30 -10.70 -16.51 20.77
C THR B 30 -10.01 -16.63 19.42
N GLU B 31 -8.67 -16.61 19.45
CA GLU B 31 -7.94 -16.74 18.20
C GLU B 31 -8.16 -18.11 17.57
N ASN B 32 -8.35 -19.16 18.37
CA ASN B 32 -8.67 -20.46 17.77
C ASN B 32 -10.01 -20.41 17.05
N GLU B 33 -11.00 -19.70 17.63
CA GLU B 33 -12.29 -19.57 16.98
C GLU B 33 -12.16 -18.84 15.65
N ILE B 34 -11.40 -17.75 15.63
CA ILE B 34 -11.25 -16.99 14.40
C ILE B 34 -10.48 -17.81 13.36
N ARG B 35 -9.43 -18.51 13.79
CA ARG B 35 -8.70 -19.37 12.86
CA ARG B 35 -8.70 -19.35 12.83
C ARG B 35 -9.61 -20.43 12.25
N GLY B 36 -10.50 -20.99 13.08
CA GLY B 36 -11.46 -21.97 12.56
C GLY B 36 -12.41 -21.36 11.54
N LEU B 37 -12.88 -20.15 11.81
CA LEU B 37 -13.73 -19.47 10.82
C LEU B 37 -12.98 -19.30 9.50
N CYS B 38 -11.69 -18.92 9.57
CA CYS B 38 -10.91 -18.74 8.34
C CYS B 38 -10.72 -20.06 7.61
N LEU B 39 -10.35 -21.12 8.33
CA LEU B 39 -10.04 -22.37 7.66
C LEU B 39 -11.27 -23.02 7.05
N LYS B 40 -12.41 -22.96 7.76
CA LYS B 40 -13.63 -23.59 7.25
C LYS B 40 -14.20 -22.80 6.08
N SER B 41 -14.21 -21.47 6.18
CA SER B 41 -14.77 -20.66 5.10
C SER B 41 -13.89 -20.77 3.85
N ARG B 42 -12.57 -20.84 4.04
CA ARG B 42 -11.66 -21.01 2.91
C ARG B 42 -11.96 -22.31 2.16
N GLU B 43 -12.17 -23.40 2.89
CA GLU B 43 -12.57 -24.65 2.23
C GLU B 43 -13.82 -24.46 1.39
N ILE B 44 -14.81 -23.78 1.94
CA ILE B 44 -16.07 -23.61 1.23
C ILE B 44 -15.86 -22.72 -0.01
N PHE B 45 -15.11 -21.62 0.14
CA PHE B 45 -14.82 -20.77 -1.02
C PHE B 45 -14.19 -21.58 -2.14
N LEU B 46 -13.20 -22.41 -1.82
CA LEU B 46 -12.51 -23.14 -2.88
C LEU B 46 -13.40 -24.22 -3.49
N SER B 47 -14.36 -24.72 -2.74
CA SER B 47 -15.25 -25.75 -3.25
C SER B 47 -16.34 -25.19 -4.16
N GLN B 48 -16.61 -23.88 -4.09
CA GLN B 48 -17.58 -23.23 -4.95
C GLN B 48 -16.86 -22.47 -6.05
N PRO B 49 -17.54 -22.16 -7.16
CA PRO B 49 -16.83 -21.56 -8.29
C PRO B 49 -16.40 -20.13 -7.98
N ILE B 50 -15.32 -19.71 -8.66
CA ILE B 50 -14.85 -18.33 -8.50
C ILE B 50 -15.78 -17.34 -9.19
N LEU B 51 -16.60 -17.81 -10.12
CA LEU B 51 -17.66 -17.01 -10.74
C LEU B 51 -18.97 -17.65 -10.29
N LEU B 52 -19.62 -17.07 -9.28
CA LEU B 52 -20.81 -17.66 -8.70
C LEU B 52 -22.00 -17.44 -9.61
N GLU B 53 -22.74 -18.53 -9.91
CA GLU B 53 -24.00 -18.42 -10.63
C GLU B 53 -25.14 -18.65 -9.64
N LEU B 54 -25.91 -17.60 -9.40
CA LEU B 54 -26.87 -17.53 -8.31
C LEU B 54 -28.29 -17.35 -8.83
N GLU B 55 -29.26 -17.80 -8.04
CA GLU B 55 -30.67 -17.58 -8.32
C GLU B 55 -31.23 -16.56 -7.35
N ALA B 56 -32.18 -15.77 -7.83
CA ALA B 56 -32.97 -14.93 -6.95
C ALA B 56 -33.92 -15.81 -6.14
N PRO B 57 -34.50 -15.29 -5.04
CA PRO B 57 -34.37 -13.96 -4.46
C PRO B 57 -33.13 -13.82 -3.57
N LEU B 58 -32.63 -12.59 -3.46
CA LEU B 58 -31.51 -12.32 -2.57
C LEU B 58 -31.41 -10.81 -2.40
N LYS B 59 -30.61 -10.42 -1.42
CA LYS B 59 -30.31 -9.04 -1.16
C LYS B 59 -28.81 -8.82 -1.40
N ILE B 60 -28.47 -7.73 -2.08
CA ILE B 60 -27.08 -7.47 -2.46
C ILE B 60 -26.60 -6.23 -1.72
N CYS B 61 -25.43 -6.34 -1.09
CA CYS B 61 -24.87 -5.28 -0.26
C CYS B 61 -23.49 -4.90 -0.77
N GLY B 62 -23.18 -3.61 -0.63
CA GLY B 62 -21.91 -3.01 -0.97
C GLY B 62 -21.02 -2.88 0.25
N ASP B 63 -20.11 -1.89 0.21
CA ASP B 63 -19.01 -1.84 1.17
C ASP B 63 -19.50 -1.75 2.61
N ILE B 64 -18.78 -2.40 3.53
CA ILE B 64 -19.06 -2.29 4.95
C ILE B 64 -17.92 -1.62 5.70
N HIS B 65 -16.67 -1.92 5.34
CA HIS B 65 -15.50 -1.28 5.93
C HIS B 65 -15.58 -1.23 7.46
N GLY B 66 -15.83 -2.38 8.08
CA GLY B 66 -15.66 -2.52 9.52
C GLY B 66 -16.67 -1.76 10.37
N GLN B 67 -17.76 -1.27 9.79
CA GLN B 67 -18.81 -0.58 10.54
C GLN B 67 -19.79 -1.65 11.01
N TYR B 68 -19.38 -2.36 12.07
CA TYR B 68 -20.06 -3.59 12.46
C TYR B 68 -21.51 -3.34 12.87
N TYR B 69 -21.75 -2.25 13.58
CA TYR B 69 -23.12 -2.03 14.04
C TYR B 69 -24.04 -1.63 12.90
N ASP B 70 -23.48 -1.07 11.82
CA ASP B 70 -24.27 -0.87 10.62
C ASP B 70 -24.56 -2.18 9.90
N LEU B 71 -23.62 -3.14 9.92
CA LEU B 71 -23.93 -4.45 9.37
C LEU B 71 -25.08 -5.11 10.13
N LEU B 72 -25.08 -4.97 11.46
CA LEU B 72 -26.19 -5.53 12.24
C LEU B 72 -27.50 -4.87 11.85
N ARG B 73 -27.46 -3.57 11.54
CA ARG B 73 -28.65 -2.86 11.08
C ARG B 73 -29.13 -3.37 9.72
N LEU B 74 -28.20 -3.62 8.80
CA LEU B 74 -28.58 -4.21 7.52
C LEU B 74 -29.30 -5.54 7.73
N PHE B 75 -28.78 -6.38 8.61
CA PHE B 75 -29.40 -7.67 8.84
C PHE B 75 -30.74 -7.52 9.55
N GLU B 76 -30.83 -6.53 10.45
CA GLU B 76 -32.07 -6.32 11.19
C GLU B 76 -33.22 -5.96 10.25
N TYR B 77 -32.96 -5.09 9.28
CA TYR B 77 -34.00 -4.66 8.36
C TYR B 77 -34.19 -5.57 7.15
N GLY B 78 -33.13 -6.21 6.66
CA GLY B 78 -33.28 -7.10 5.53
C GLY B 78 -33.64 -8.51 5.97
N GLY B 79 -33.44 -8.79 7.25
CA GLY B 79 -33.67 -10.14 7.76
C GLY B 79 -32.37 -10.86 8.04
N PHE B 80 -32.18 -11.32 9.28
CA PHE B 80 -30.98 -12.07 9.60
C PHE B 80 -31.00 -13.41 8.87
N PRO B 81 -29.87 -13.87 8.33
CA PRO B 81 -29.80 -15.23 7.77
C PRO B 81 -30.34 -16.24 8.76
N PRO B 82 -31.08 -17.28 8.30
CA PRO B 82 -31.35 -17.59 6.90
C PRO B 82 -32.69 -17.07 6.39
N GLU B 83 -33.22 -16.04 7.06
CA GLU B 83 -34.49 -15.48 6.65
C GLU B 83 -34.41 -14.85 5.27
N SER B 84 -33.26 -14.28 4.91
CA SER B 84 -33.03 -13.75 3.58
C SER B 84 -31.71 -14.30 3.07
N ASN B 85 -31.59 -14.34 1.75
CA ASN B 85 -30.35 -14.70 1.08
C ASN B 85 -29.52 -13.44 0.83
N TYR B 86 -28.19 -13.57 0.91
CA TYR B 86 -27.32 -12.40 0.78
C TYR B 86 -26.16 -12.65 -0.18
N LEU B 87 -25.83 -11.60 -0.93
CA LEU B 87 -24.58 -11.49 -1.68
C LEU B 87 -23.92 -10.17 -1.28
N PHE B 88 -22.72 -10.23 -0.72
CA PHE B 88 -21.93 -9.04 -0.42
C PHE B 88 -20.87 -8.86 -1.50
N LEU B 89 -20.57 -7.59 -1.83
CA LEU B 89 -19.69 -7.27 -2.95
C LEU B 89 -18.25 -6.94 -2.52
N GLY B 90 -17.89 -7.10 -1.25
CA GLY B 90 -16.50 -6.89 -0.85
C GLY B 90 -16.31 -5.67 0.03
N ASP B 91 -15.03 -5.42 0.36
CA ASP B 91 -14.61 -4.33 1.25
C ASP B 91 -15.28 -4.44 2.61
N TYR B 92 -14.99 -5.57 3.27
CA TYR B 92 -15.47 -5.85 4.62
C TYR B 92 -14.62 -5.17 5.67
N VAL B 93 -13.33 -4.99 5.41
CA VAL B 93 -12.37 -4.55 6.40
C VAL B 93 -11.83 -3.18 6.03
N ASP B 94 -11.07 -2.58 6.94
CA ASP B 94 -10.36 -1.30 6.83
C ASP B 94 -11.28 -0.11 7.11
N ARG B 95 -10.68 0.99 7.54
CA ARG B 95 -11.29 2.31 7.75
C ARG B 95 -12.19 2.35 8.99
N GLY B 96 -13.09 1.38 9.14
CA GLY B 96 -13.95 1.32 10.30
C GLY B 96 -13.21 0.83 11.53
N LYS B 97 -13.91 0.85 12.67
CA LYS B 97 -13.30 0.48 13.94
C LYS B 97 -13.44 -0.99 14.29
N GLN B 98 -14.32 -1.74 13.60
CA GLN B 98 -14.58 -3.12 13.98
C GLN B 98 -14.55 -4.04 12.76
N SER B 99 -13.43 -4.02 12.04
CA SER B 99 -13.28 -4.94 10.91
C SER B 99 -13.35 -6.38 11.39
N LEU B 100 -12.81 -6.67 12.58
CA LEU B 100 -12.76 -8.05 13.05
C LEU B 100 -14.15 -8.63 13.27
N GLU B 101 -15.01 -7.92 14.01
CA GLU B 101 -16.38 -8.41 14.21
C GLU B 101 -17.10 -8.55 12.88
N THR B 102 -16.93 -7.56 12.00
CA THR B 102 -17.58 -7.59 10.68
C THR B 102 -17.20 -8.85 9.89
N ILE B 103 -15.90 -9.09 9.69
CA ILE B 103 -15.54 -10.24 8.87
C ILE B 103 -15.86 -11.55 9.58
N CYS B 104 -15.75 -11.60 10.91
CA CYS B 104 -16.04 -12.86 11.59
C CYS B 104 -17.51 -13.24 11.44
N LEU B 105 -18.42 -12.27 11.56
CA LEU B 105 -19.84 -12.60 11.39
C LEU B 105 -20.12 -13.05 9.96
N LEU B 106 -19.53 -12.36 8.98
CA LEU B 106 -19.75 -12.74 7.59
C LEU B 106 -19.22 -14.15 7.31
N LEU B 107 -18.02 -14.47 7.82
CA LEU B 107 -17.49 -15.81 7.59
C LEU B 107 -18.31 -16.87 8.32
N ALA B 108 -18.79 -16.53 9.53
CA ALA B 108 -19.61 -17.50 10.26
C ALA B 108 -20.88 -17.84 9.50
N TYR B 109 -21.55 -16.83 8.93
CA TYR B 109 -22.76 -17.07 8.16
C TYR B 109 -22.47 -17.82 6.87
N LYS B 110 -21.32 -17.54 6.24
CA LYS B 110 -20.91 -18.33 5.08
C LYS B 110 -20.80 -19.81 5.42
N ILE B 111 -20.20 -20.12 6.58
CA ILE B 111 -20.07 -21.52 6.99
C ILE B 111 -21.44 -22.09 7.34
N LYS B 112 -22.28 -21.29 8.02
CA LYS B 112 -23.55 -21.79 8.52
C LYS B 112 -24.54 -22.03 7.38
N TYR B 113 -24.55 -21.14 6.37
CA TYR B 113 -25.52 -21.20 5.29
C TYR B 113 -24.79 -21.13 3.96
N PRO B 114 -24.02 -22.17 3.62
CA PRO B 114 -23.04 -22.03 2.53
C PRO B 114 -23.64 -21.86 1.14
N GLU B 115 -24.89 -22.25 0.92
CA GLU B 115 -25.51 -22.11 -0.39
C GLU B 115 -26.59 -21.04 -0.41
N ASN B 116 -26.67 -20.23 0.65
CA ASN B 116 -27.62 -19.12 0.74
C ASN B 116 -26.95 -17.83 1.19
N PHE B 117 -25.63 -17.80 1.29
CA PHE B 117 -24.94 -16.63 1.82
C PHE B 117 -23.63 -16.54 1.04
N PHE B 118 -23.32 -15.39 0.45
CA PHE B 118 -22.17 -15.30 -0.45
C PHE B 118 -21.42 -14.00 -0.25
N LEU B 119 -20.09 -14.10 -0.39
CA LEU B 119 -19.15 -13.00 -0.22
C LEU B 119 -18.21 -12.93 -1.42
N LEU B 120 -18.17 -11.77 -2.09
CA LEU B 120 -17.18 -11.52 -3.13
C LEU B 120 -15.96 -10.79 -2.53
N ARG B 121 -14.87 -10.83 -3.29
CA ARG B 121 -13.64 -10.12 -2.91
C ARG B 121 -13.71 -8.64 -3.30
N GLY B 122 -13.38 -7.75 -2.36
CA GLY B 122 -13.13 -6.35 -2.69
C GLY B 122 -11.63 -6.07 -2.75
N ASN B 123 -11.29 -4.85 -3.17
CA ASN B 123 -9.88 -4.54 -3.26
C ASN B 123 -9.23 -4.40 -1.87
N HIS B 124 -10.02 -4.26 -0.82
CA HIS B 124 -9.44 -4.25 0.52
C HIS B 124 -9.26 -5.65 1.11
N GLU B 125 -9.76 -6.70 0.45
CA GLU B 125 -9.46 -8.07 0.88
C GLU B 125 -8.15 -8.52 0.21
N CYS B 126 -7.10 -7.77 0.53
CA CYS B 126 -5.82 -7.86 -0.15
C CYS B 126 -4.78 -7.35 0.84
N ALA B 127 -3.78 -8.18 1.14
CA ALA B 127 -2.85 -7.87 2.24
C ALA B 127 -2.10 -6.56 2.00
N SER B 128 -1.75 -6.24 0.75
CA SER B 128 -0.97 -5.04 0.55
C SER B 128 -1.80 -3.78 0.73
N ILE B 129 -3.13 -3.88 0.67
CA ILE B 129 -4.02 -2.77 0.99
C ILE B 129 -4.38 -2.77 2.48
N ASN B 130 -4.83 -3.89 3.04
CA ASN B 130 -5.36 -3.81 4.39
C ASN B 130 -4.25 -3.87 5.44
N ARG B 131 -3.01 -4.07 5.03
CA ARG B 131 -1.90 -3.82 5.95
C ARG B 131 -1.86 -2.35 6.34
N ILE B 132 -2.29 -1.47 5.45
CA ILE B 132 -2.14 -0.03 5.62
C ILE B 132 -3.41 0.63 6.13
N TYR B 133 -4.57 0.21 5.64
CA TYR B 133 -5.78 1.00 5.89
C TYR B 133 -6.57 0.56 7.11
N GLY B 134 -5.99 -0.28 7.99
CA GLY B 134 -6.62 -0.45 9.30
C GLY B 134 -6.72 -1.88 9.79
N PHE B 135 -6.92 -2.85 8.90
CA PHE B 135 -7.23 -4.21 9.34
C PHE B 135 -6.02 -4.84 10.03
N TYR B 136 -4.82 -4.70 9.44
CA TYR B 136 -3.65 -5.27 10.11
C TYR B 136 -3.44 -4.66 11.49
N ASP B 137 -3.61 -3.33 11.61
CA ASP B 137 -3.46 -2.70 12.92
C ASP B 137 -4.45 -3.25 13.93
N GLU B 138 -5.68 -3.51 13.49
CA GLU B 138 -6.68 -4.10 14.38
C GLU B 138 -6.28 -5.52 14.79
N CYS B 139 -5.81 -6.32 13.83
CA CYS B 139 -5.33 -7.67 14.15
C CYS B 139 -4.16 -7.63 15.11
N LYS B 140 -3.19 -6.75 14.85
CA LYS B 140 -2.02 -6.71 15.71
C LYS B 140 -2.40 -6.28 17.12
N ARG B 141 -3.33 -5.33 17.24
CA ARG B 141 -3.71 -4.82 18.55
C ARG B 141 -4.50 -5.85 19.35
N ARG B 142 -5.47 -6.50 18.71
CA ARG B 142 -6.42 -7.37 19.41
C ARG B 142 -6.02 -8.85 19.40
N TYR B 143 -5.15 -9.26 18.47
CA TYR B 143 -4.70 -10.66 18.38
C TYR B 143 -3.20 -10.65 18.13
N ASN B 144 -2.76 -11.04 16.94
CA ASN B 144 -1.33 -11.06 16.63
C ASN B 144 -1.16 -11.10 15.12
N ILE B 145 0.08 -10.96 14.67
CA ILE B 145 0.34 -10.91 13.23
C ILE B 145 0.03 -12.23 12.56
N LYS B 146 0.27 -13.35 13.25
CA LYS B 146 -0.03 -14.64 12.67
C LYS B 146 -1.50 -14.75 12.26
N LEU B 147 -2.40 -14.16 13.06
CA LEU B 147 -3.81 -14.23 12.71
C LEU B 147 -4.11 -13.38 11.47
N TRP B 148 -3.46 -12.23 11.33
CA TRP B 148 -3.63 -11.43 10.11
C TRP B 148 -3.23 -12.22 8.87
N LYS B 149 -2.11 -12.94 8.94
CA LYS B 149 -1.69 -13.75 7.79
C LYS B 149 -2.68 -14.89 7.52
N THR B 150 -3.31 -15.43 8.57
CA THR B 150 -4.39 -16.40 8.38
C THR B 150 -5.56 -15.78 7.61
N PHE B 151 -5.95 -14.56 7.95
CA PHE B 151 -6.99 -13.86 7.17
C PHE B 151 -6.60 -13.70 5.71
N THR B 152 -5.35 -13.32 5.45
CA THR B 152 -4.89 -13.15 4.07
C THR B 152 -5.03 -14.44 3.26
N ASP B 153 -4.64 -15.57 3.84
CA ASP B 153 -4.76 -16.83 3.11
CA ASP B 153 -4.77 -16.87 3.16
C ASP B 153 -6.22 -17.17 2.82
N CYS B 154 -7.14 -16.77 3.69
CA CYS B 154 -8.56 -16.95 3.44
C CYS B 154 -9.05 -15.99 2.35
N PHE B 155 -8.73 -14.68 2.48
CA PHE B 155 -9.17 -13.71 1.48
C PHE B 155 -8.67 -14.07 0.08
N ASN B 156 -7.49 -14.68 0.00
CA ASN B 156 -6.93 -15.03 -1.29
C ASN B 156 -7.75 -16.08 -2.02
N CYS B 157 -8.76 -16.65 -1.36
CA CYS B 157 -9.63 -17.68 -1.95
C CYS B 157 -11.04 -17.18 -2.19
N LEU B 158 -11.33 -15.90 -1.94
CA LEU B 158 -12.67 -15.38 -2.14
C LEU B 158 -13.03 -15.43 -3.63
N PRO B 159 -14.28 -15.68 -3.96
CA PRO B 159 -14.72 -15.59 -5.36
C PRO B 159 -14.77 -14.13 -5.80
N ILE B 160 -14.79 -13.94 -7.12
CA ILE B 160 -14.51 -12.65 -7.72
C ILE B 160 -15.73 -12.00 -8.37
N ALA B 161 -16.70 -12.79 -8.85
CA ALA B 161 -17.86 -12.19 -9.48
C ALA B 161 -19.03 -13.14 -9.33
N ALA B 162 -20.23 -12.60 -9.54
CA ALA B 162 -21.45 -13.40 -9.50
C ALA B 162 -22.38 -12.95 -10.62
N ILE B 163 -23.17 -13.89 -11.13
CA ILE B 163 -24.24 -13.58 -12.07
C ILE B 163 -25.54 -14.12 -11.50
N VAL B 164 -26.50 -13.22 -11.28
CA VAL B 164 -27.79 -13.59 -10.70
C VAL B 164 -28.76 -13.88 -11.85
N ASP B 165 -29.23 -15.13 -11.94
CA ASP B 165 -30.25 -15.55 -12.91
C ASP B 165 -29.90 -15.10 -14.33
N GLU B 166 -28.61 -15.19 -14.66
CA GLU B 166 -28.07 -14.87 -15.98
C GLU B 166 -28.35 -13.46 -16.44
N LYS B 167 -28.76 -12.56 -15.53
CA LYS B 167 -29.13 -11.22 -15.95
C LYS B 167 -28.40 -10.11 -15.18
N ILE B 168 -27.95 -10.36 -13.94
CA ILE B 168 -27.28 -9.33 -13.13
C ILE B 168 -25.83 -9.73 -12.90
N PHE B 169 -24.90 -8.94 -13.47
CA PHE B 169 -23.47 -9.21 -13.30
C PHE B 169 -22.96 -8.38 -12.13
N CYS B 170 -22.30 -9.06 -11.18
CA CYS B 170 -21.94 -8.48 -9.90
C CYS B 170 -20.44 -8.61 -9.67
N CYS B 171 -19.81 -7.51 -9.27
CA CYS B 171 -18.41 -7.54 -8.85
C CYS B 171 -18.15 -6.29 -8.02
N HIS B 172 -16.98 -6.22 -7.39
CA HIS B 172 -16.72 -5.09 -6.50
C HIS B 172 -16.50 -3.81 -7.28
N GLY B 173 -15.55 -3.83 -8.21
CA GLY B 173 -15.11 -2.63 -8.87
C GLY B 173 -15.86 -2.43 -10.17
N GLY B 174 -15.43 -3.11 -11.22
CA GLY B 174 -16.18 -2.97 -12.46
C GLY B 174 -15.61 -3.75 -13.61
N LEU B 175 -15.85 -3.26 -14.82
CA LEU B 175 -15.45 -3.98 -16.02
C LEU B 175 -13.95 -3.83 -16.26
N SER B 176 -13.47 -4.63 -17.21
CA SER B 176 -12.08 -4.70 -17.59
C SER B 176 -12.00 -4.63 -19.11
N PRO B 177 -11.04 -3.89 -19.67
CA PRO B 177 -10.84 -3.96 -21.12
C PRO B 177 -10.38 -5.34 -21.56
N ASP B 178 -9.98 -6.20 -20.60
CA ASP B 178 -9.51 -7.53 -20.92
C ASP B 178 -10.58 -8.61 -20.71
N LEU B 179 -11.82 -8.21 -20.43
CA LEU B 179 -12.89 -9.18 -20.17
C LEU B 179 -13.67 -9.37 -21.46
N GLN B 180 -13.34 -10.45 -22.18
CA GLN B 180 -13.98 -10.84 -23.43
C GLN B 180 -15.00 -11.96 -23.23
N SER B 181 -14.68 -12.92 -22.36
CA SER B 181 -15.50 -14.09 -22.10
C SER B 181 -15.61 -14.32 -20.60
N MET B 182 -16.80 -14.71 -20.13
CA MET B 182 -16.93 -15.09 -18.72
C MET B 182 -15.99 -16.22 -18.35
N GLU B 183 -15.53 -17.00 -19.33
CA GLU B 183 -14.59 -18.08 -19.05
C GLU B 183 -13.28 -17.55 -18.49
N GLN B 184 -12.90 -16.32 -18.84
CA GLN B 184 -11.66 -15.78 -18.31
C GLN B 184 -11.75 -15.61 -16.79
N ILE B 185 -12.92 -15.26 -16.27
CA ILE B 185 -13.10 -15.21 -14.82
C ILE B 185 -13.09 -16.62 -14.23
N ARG B 186 -13.88 -17.51 -14.84
CA ARG B 186 -14.04 -18.86 -14.30
C ARG B 186 -12.71 -19.60 -14.20
N ARG B 187 -11.74 -19.25 -15.05
CA ARG B 187 -10.46 -19.95 -15.13
C ARG B 187 -9.41 -19.46 -14.14
N ILE B 188 -9.66 -18.37 -13.41
CA ILE B 188 -8.66 -17.84 -12.49
C ILE B 188 -8.41 -18.83 -11.37
N MET B 189 -7.14 -19.15 -11.12
CA MET B 189 -6.79 -20.10 -10.09
CA MET B 189 -6.73 -20.09 -10.09
C MET B 189 -6.65 -19.41 -8.74
N ARG B 190 -7.01 -20.15 -7.68
CA ARG B 190 -6.93 -19.72 -6.29
C ARG B 190 -6.10 -20.72 -5.49
N PRO B 191 -5.43 -20.27 -4.40
CA PRO B 191 -5.38 -18.88 -3.92
C PRO B 191 -4.60 -17.95 -4.84
N THR B 192 -4.93 -16.67 -4.79
CA THR B 192 -4.20 -15.70 -5.58
C THR B 192 -4.23 -14.37 -4.84
N ASP B 193 -3.15 -13.62 -4.99
CA ASP B 193 -3.17 -12.21 -4.61
C ASP B 193 -3.87 -11.42 -5.73
N VAL B 194 -4.18 -10.16 -5.47
CA VAL B 194 -4.70 -9.24 -6.50
C VAL B 194 -3.52 -8.62 -7.22
N PRO B 195 -3.40 -8.78 -8.54
CA PRO B 195 -2.26 -8.19 -9.27
C PRO B 195 -2.42 -6.68 -9.41
N ASP B 196 -1.32 -6.04 -9.82
CA ASP B 196 -1.33 -4.59 -9.98
C ASP B 196 -2.00 -4.13 -11.28
N GLN B 197 -2.26 -5.06 -12.21
CA GLN B 197 -2.97 -4.75 -13.44
C GLN B 197 -3.54 -6.05 -13.97
N GLY B 198 -4.47 -5.93 -14.92
CA GLY B 198 -5.08 -7.08 -15.53
C GLY B 198 -6.52 -7.28 -15.06
N LEU B 199 -7.11 -8.36 -15.57
CA LEU B 199 -8.53 -8.62 -15.38
C LEU B 199 -8.93 -8.60 -13.91
N LEU B 200 -8.22 -9.38 -13.09
CA LEU B 200 -8.59 -9.51 -11.68
C LEU B 200 -8.44 -8.17 -10.97
N CYS B 201 -7.38 -7.41 -11.27
CA CYS B 201 -7.26 -6.06 -10.73
C CYS B 201 -8.47 -5.21 -11.10
N ASP B 202 -8.81 -5.18 -12.40
CA ASP B 202 -9.91 -4.34 -12.87
C ASP B 202 -11.22 -4.72 -12.21
N LEU B 203 -11.49 -6.02 -12.04
CA LEU B 203 -12.77 -6.43 -11.46
C LEU B 203 -12.93 -5.88 -10.04
N LEU B 204 -11.81 -5.62 -9.35
CA LEU B 204 -11.83 -5.15 -7.97
C LEU B 204 -11.56 -3.65 -7.84
N TRP B 205 -11.17 -2.97 -8.93
CA TRP B 205 -10.68 -1.58 -8.86
C TRP B 205 -11.30 -0.58 -9.82
N SER B 206 -11.89 -1.01 -10.94
CA SER B 206 -12.29 0.00 -11.93
C SER B 206 -13.59 0.71 -11.49
N ASP B 207 -13.86 1.87 -12.12
CA ASP B 207 -15.01 2.71 -11.83
C ASP B 207 -15.69 3.16 -13.12
N PRO B 208 -16.99 3.36 -13.09
CA PRO B 208 -17.67 4.01 -14.22
C PRO B 208 -17.46 5.52 -14.15
N ASP B 209 -17.43 6.17 -15.33
CA ASP B 209 -17.28 7.62 -15.36
C ASP B 209 -18.15 8.18 -16.49
N LYS B 210 -19.02 9.11 -16.13
CA LYS B 210 -19.95 9.73 -17.09
C LYS B 210 -19.23 10.53 -18.16
N ASP B 211 -17.99 10.94 -17.92
CA ASP B 211 -17.29 11.86 -18.81
C ASP B 211 -16.31 11.18 -19.73
N VAL B 212 -16.06 9.89 -19.56
CA VAL B 212 -15.07 9.22 -20.38
C VAL B 212 -15.78 8.53 -21.54
N GLN B 213 -15.10 8.48 -22.68
CA GLN B 213 -15.56 7.72 -23.83
C GLN B 213 -14.60 6.56 -23.98
N GLY B 214 -15.09 5.35 -23.76
CA GLY B 214 -14.24 4.17 -23.81
C GLY B 214 -13.59 3.93 -22.46
N TRP B 215 -12.27 3.74 -22.47
CA TRP B 215 -11.49 3.48 -21.26
C TRP B 215 -10.59 4.67 -20.96
N GLY B 216 -10.54 5.07 -19.67
CA GLY B 216 -9.70 6.18 -19.25
C GLY B 216 -8.82 5.78 -18.10
N GLU B 217 -7.91 6.70 -17.73
CA GLU B 217 -7.06 6.52 -16.56
C GLU B 217 -7.85 6.78 -15.27
N ASN B 218 -7.68 5.90 -14.30
CA ASN B 218 -8.41 6.03 -13.05
C ASN B 218 -7.61 6.90 -12.10
N ASP B 219 -8.29 7.86 -11.48
CA ASP B 219 -7.66 8.80 -10.53
C ASP B 219 -7.02 8.07 -9.34
N ARG B 220 -7.53 6.88 -8.99
CA ARG B 220 -6.95 6.11 -7.90
C ARG B 220 -5.49 5.78 -8.14
N GLY B 221 -5.03 5.83 -9.40
CA GLY B 221 -3.70 5.37 -9.78
C GLY B 221 -3.62 3.90 -10.09
N VAL B 222 -4.75 3.19 -9.99
CA VAL B 222 -4.86 1.77 -10.31
C VAL B 222 -5.99 1.62 -11.33
N SER B 223 -5.81 0.76 -12.31
CA SER B 223 -6.91 0.30 -13.20
C SER B 223 -7.45 1.48 -14.02
N PHE B 224 -8.74 1.42 -14.37
CA PHE B 224 -9.31 2.26 -15.42
C PHE B 224 -10.67 2.79 -15.01
N THR B 225 -11.12 3.80 -15.76
CA THR B 225 -12.53 4.16 -15.81
C THR B 225 -13.13 3.65 -17.13
N PHE B 226 -14.45 3.46 -17.13
CA PHE B 226 -15.18 3.06 -18.33
C PHE B 226 -16.45 3.87 -18.44
N GLY B 227 -16.87 4.13 -19.68
CA GLY B 227 -18.05 4.95 -19.95
C GLY B 227 -19.32 4.14 -20.20
N ALA B 228 -20.38 4.89 -20.52
CA ALA B 228 -21.71 4.31 -20.64
C ALA B 228 -21.85 3.41 -21.85
N GLU B 229 -21.12 3.68 -22.94
CA GLU B 229 -21.21 2.82 -24.10
C GLU B 229 -20.46 1.52 -23.90
N VAL B 230 -19.41 1.54 -23.07
CA VAL B 230 -18.77 0.28 -22.71
C VAL B 230 -19.77 -0.62 -22.01
N VAL B 231 -20.56 -0.04 -21.10
CA VAL B 231 -21.55 -0.82 -20.36
C VAL B 231 -22.61 -1.37 -21.30
N ALA B 232 -23.11 -0.54 -22.21
CA ALA B 232 -24.14 -1.01 -23.14
C ALA B 232 -23.65 -2.17 -23.97
N LYS B 233 -22.43 -2.06 -24.51
CA LYS B 233 -21.90 -3.13 -25.34
C LYS B 233 -21.70 -4.40 -24.55
N PHE B 234 -21.28 -4.25 -23.29
CA PHE B 234 -21.08 -5.41 -22.43
C PHE B 234 -22.40 -6.12 -22.16
N LEU B 235 -23.44 -5.37 -21.81
CA LEU B 235 -24.74 -5.98 -21.53
C LEU B 235 -25.29 -6.70 -22.75
N HIS B 236 -25.19 -6.09 -23.94
CA HIS B 236 -25.68 -6.74 -25.15
C HIS B 236 -24.90 -8.00 -25.45
N LYS B 237 -23.57 -7.90 -25.42
CA LYS B 237 -22.75 -9.04 -25.81
C LYS B 237 -23.00 -10.25 -24.90
N HIS B 238 -23.24 -10.02 -23.62
CA HIS B 238 -23.40 -11.12 -22.67
C HIS B 238 -24.85 -11.36 -22.29
N ASP B 239 -25.80 -10.71 -22.97
CA ASP B 239 -27.23 -10.84 -22.75
C ASP B 239 -27.57 -10.65 -21.27
N LEU B 240 -27.01 -9.59 -20.68
CA LEU B 240 -27.28 -9.19 -19.32
C LEU B 240 -28.17 -7.95 -19.31
N ASP B 241 -28.82 -7.71 -18.18
CA ASP B 241 -29.64 -6.53 -18.01
C ASP B 241 -29.01 -5.46 -17.12
N LEU B 242 -28.13 -5.85 -16.20
CA LEU B 242 -27.71 -4.95 -15.16
C LEU B 242 -26.30 -5.33 -14.68
N ILE B 243 -25.46 -4.31 -14.47
CA ILE B 243 -24.22 -4.48 -13.70
C ILE B 243 -24.47 -3.92 -12.31
N CYS B 244 -24.12 -4.69 -11.29
CA CYS B 244 -24.26 -4.29 -9.90
C CYS B 244 -22.89 -4.33 -9.25
N ARG B 245 -22.42 -3.19 -8.77
CA ARG B 245 -21.08 -3.08 -8.21
C ARG B 245 -21.12 -2.15 -7.01
N ALA B 246 -19.94 -1.90 -6.44
CA ALA B 246 -19.84 -1.13 -5.20
C ALA B 246 -18.65 -0.17 -5.29
N HIS B 247 -17.72 -0.22 -4.31
CA HIS B 247 -16.39 0.37 -4.47
C HIS B 247 -16.35 1.91 -4.35
N GLN B 248 -17.46 2.59 -4.61
CA GLN B 248 -17.51 4.05 -4.51
C GLN B 248 -18.61 4.50 -3.55
N VAL B 249 -18.28 5.46 -2.68
CA VAL B 249 -19.29 6.02 -1.79
C VAL B 249 -20.26 6.88 -2.61
N VAL B 250 -21.55 6.68 -2.40
CA VAL B 250 -22.59 7.43 -3.09
C VAL B 250 -23.60 7.93 -2.06
N GLU B 251 -24.09 9.16 -2.26
CA GLU B 251 -24.79 9.89 -1.21
C GLU B 251 -26.07 9.19 -0.76
N ASP B 252 -26.76 8.50 -1.66
CA ASP B 252 -28.03 7.87 -1.33
C ASP B 252 -27.90 6.39 -1.05
N GLY B 253 -26.67 5.86 -0.99
CA GLY B 253 -26.45 4.44 -0.80
C GLY B 253 -26.49 3.63 -2.07
N TYR B 254 -27.27 4.06 -3.07
CA TYR B 254 -27.25 3.48 -4.40
C TYR B 254 -27.19 4.62 -5.42
N GLU B 255 -26.72 4.29 -6.62
CA GLU B 255 -26.62 5.31 -7.66
C GLU B 255 -26.57 4.64 -9.03
N PHE B 256 -27.47 5.06 -9.91
CA PHE B 256 -27.51 4.53 -11.27
C PHE B 256 -26.46 5.20 -12.16
N PHE B 257 -26.09 4.47 -13.20
CA PHE B 257 -25.17 4.92 -14.23
C PHE B 257 -25.70 4.38 -15.55
N ALA B 258 -25.60 5.20 -16.61
CA ALA B 258 -25.96 4.76 -17.96
C ALA B 258 -27.40 4.26 -18.04
N LYS B 259 -28.33 5.10 -17.62
CA LYS B 259 -29.77 4.81 -17.68
C LYS B 259 -30.10 3.44 -17.08
N ARG B 260 -29.85 3.33 -15.78
CA ARG B 260 -30.13 2.12 -14.99
C ARG B 260 -29.49 0.84 -15.55
N GLN B 261 -28.49 0.96 -16.44
CA GLN B 261 -27.79 -0.25 -16.87
C GLN B 261 -26.72 -0.69 -15.88
N LEU B 262 -26.31 0.18 -14.97
CA LEU B 262 -25.34 -0.15 -13.92
C LEU B 262 -25.81 0.54 -12.65
N VAL B 263 -25.61 -0.12 -11.51
CA VAL B 263 -25.91 0.50 -10.22
C VAL B 263 -24.71 0.32 -9.31
N THR B 264 -24.41 1.35 -8.53
CA THR B 264 -23.40 1.31 -7.47
C THR B 264 -24.11 1.18 -6.13
N LEU B 265 -23.67 0.20 -5.32
CA LEU B 265 -24.20 0.02 -3.97
C LEU B 265 -23.09 0.31 -2.97
N PHE B 266 -23.42 1.05 -1.91
CA PHE B 266 -22.50 1.32 -0.82
C PHE B 266 -23.30 1.19 0.47
N SER B 267 -22.87 0.31 1.38
CA SER B 267 -23.75 -0.10 2.47
C SER B 267 -23.32 0.42 3.84
N ALA B 268 -22.32 1.29 3.90
CA ALA B 268 -21.82 1.83 5.17
C ALA B 268 -22.28 3.27 5.34
N PRO B 269 -23.35 3.54 6.10
CA PRO B 269 -23.81 4.92 6.28
C PRO B 269 -22.77 5.77 7.02
N ASN B 270 -22.82 7.08 6.77
CA ASN B 270 -21.92 8.06 7.40
C ASN B 270 -20.46 7.60 7.34
N TYR B 271 -20.04 7.21 6.13
CA TYR B 271 -18.76 6.55 5.89
C TYR B 271 -17.59 7.35 6.45
N CYS B 272 -16.83 6.73 7.36
CA CYS B 272 -15.69 7.27 8.08
C CYS B 272 -16.08 8.33 9.11
N GLY B 273 -17.38 8.56 9.33
CA GLY B 273 -17.81 9.75 10.05
C GLY B 273 -17.54 11.04 9.32
N GLU B 274 -17.19 10.98 8.03
CA GLU B 274 -16.78 12.12 7.24
C GLU B 274 -17.77 12.53 6.16
N PHE B 275 -18.49 11.59 5.56
CA PHE B 275 -19.25 11.87 4.36
C PHE B 275 -20.74 12.15 4.56
N ASP B 276 -21.37 11.61 5.61
CA ASP B 276 -22.80 11.84 5.86
C ASP B 276 -23.65 11.35 4.68
N ASN B 277 -23.40 10.11 4.29
CA ASN B 277 -24.08 9.40 3.22
C ASN B 277 -25.02 8.35 3.80
N ALA B 278 -25.98 7.92 3.00
CA ALA B 278 -26.78 6.75 3.36
C ALA B 278 -26.10 5.46 2.89
N GLY B 279 -26.55 4.35 3.47
CA GLY B 279 -26.22 3.04 2.99
C GLY B 279 -27.45 2.40 2.37
N ALA B 280 -27.23 1.53 1.39
CA ALA B 280 -28.33 0.84 0.73
C ALA B 280 -27.94 -0.60 0.43
N MET B 281 -28.95 -1.44 0.34
CA MET B 281 -28.85 -2.75 -0.23
C MET B 281 -29.90 -2.87 -1.32
N MET B 282 -29.68 -3.77 -2.27
CA MET B 282 -30.63 -3.97 -3.37
C MET B 282 -31.31 -5.32 -3.19
N SER B 283 -32.64 -5.28 -3.05
CA SER B 283 -33.45 -6.49 -2.96
C SER B 283 -33.86 -6.94 -4.35
N VAL B 284 -33.67 -8.24 -4.63
CA VAL B 284 -34.00 -8.84 -5.91
C VAL B 284 -34.99 -9.96 -5.65
N ASP B 285 -36.23 -9.82 -6.14
CA ASP B 285 -37.20 -10.88 -5.89
C ASP B 285 -37.10 -11.94 -6.99
N GLU B 286 -37.98 -12.95 -6.91
CA GLU B 286 -37.86 -14.10 -7.81
C GLU B 286 -38.04 -13.74 -9.27
N THR B 287 -38.73 -12.63 -9.57
CA THR B 287 -38.94 -12.18 -10.94
C THR B 287 -37.92 -11.14 -11.39
N LEU B 288 -36.84 -10.97 -10.63
CA LEU B 288 -35.81 -9.95 -10.87
C LEU B 288 -36.38 -8.55 -10.82
N MET B 289 -37.44 -8.36 -10.02
CA MET B 289 -37.82 -7.02 -9.62
C MET B 289 -36.84 -6.50 -8.58
N CYS B 290 -36.22 -5.35 -8.85
CA CYS B 290 -35.13 -4.81 -8.04
C CYS B 290 -35.58 -3.52 -7.37
N SER B 291 -35.30 -3.42 -6.06
CA SER B 291 -35.61 -2.23 -5.29
C SER B 291 -34.50 -2.03 -4.27
N PHE B 292 -34.52 -0.89 -3.60
CA PHE B 292 -33.46 -0.53 -2.68
C PHE B 292 -34.04 -0.35 -1.28
N GLN B 293 -33.40 -1.00 -0.30
CA GLN B 293 -33.68 -0.76 1.10
C GLN B 293 -32.55 0.08 1.64
N ILE B 294 -32.89 1.23 2.23
CA ILE B 294 -31.94 2.28 2.53
C ILE B 294 -31.86 2.49 4.03
N LEU B 295 -30.64 2.55 4.56
CA LEU B 295 -30.38 2.87 5.95
C LEU B 295 -29.91 4.31 5.95
N LYS B 296 -30.64 5.19 6.62
CA LYS B 296 -30.34 6.59 6.45
C LYS B 296 -30.22 7.28 7.80
N PRO B 297 -29.16 8.08 8.01
CA PRO B 297 -28.87 9.00 9.11
C PRO B 297 -29.81 10.21 9.12
N LYS C 4 37.63 12.40 -10.56
CA LYS C 4 38.04 11.92 -9.23
C LYS C 4 36.98 11.02 -8.58
N GLY C 5 36.53 10.01 -9.33
CA GLY C 5 35.39 9.21 -8.91
C GLY C 5 35.70 8.20 -7.83
N ILE C 6 34.66 7.80 -7.10
CA ILE C 6 34.81 6.85 -6.01
C ILE C 6 34.10 5.53 -6.32
N LEU C 7 33.66 5.30 -7.55
CA LEU C 7 33.03 4.03 -7.93
C LEU C 7 34.12 3.08 -8.44
N LYS C 8 34.25 1.92 -7.80
CA LYS C 8 35.28 0.93 -8.16
C LYS C 8 34.89 0.10 -9.38
N ARG C 15 44.04 -2.37 3.01
CA ARG C 15 43.03 -2.81 3.96
C ARG C 15 42.79 -1.80 5.08
N LYS C 16 41.58 -1.24 5.11
CA LYS C 16 41.20 -0.21 6.07
C LYS C 16 40.32 -0.80 7.17
N ASN C 17 40.14 -0.02 8.24
CA ASN C 17 39.27 -0.42 9.33
C ASN C 17 38.44 0.78 9.78
N VAL C 18 37.15 0.54 10.01
CA VAL C 18 36.29 1.58 10.58
C VAL C 18 36.77 1.90 11.99
N HIS C 19 36.82 3.20 12.31
CA HIS C 19 37.12 3.62 13.67
C HIS C 19 36.41 4.93 13.94
N TRP C 20 36.44 5.34 15.20
CA TRP C 20 35.64 6.45 15.69
C TRP C 20 36.52 7.50 16.36
N PRO C 21 36.14 8.78 16.35
CA PRO C 21 36.91 9.78 17.09
C PRO C 21 36.67 9.67 18.59
N GLU C 22 37.43 10.47 19.34
CA GLU C 22 37.17 10.60 20.76
C GLU C 22 35.78 11.17 20.98
N GLU C 23 35.21 10.90 22.15
CA GLU C 23 33.78 11.12 22.37
C GLU C 23 33.36 12.55 22.07
N GLY C 24 34.19 13.53 22.43
CA GLY C 24 33.84 14.91 22.19
C GLY C 24 33.89 15.34 20.74
N LYS C 25 34.48 14.53 19.87
CA LYS C 25 34.57 14.85 18.45
C LYS C 25 33.68 13.98 17.57
N LEU C 26 32.80 13.18 18.18
CA LEU C 26 31.95 12.27 17.41
C LEU C 26 30.81 13.00 16.70
N ARG C 27 30.25 14.02 17.34
CA ARG C 27 29.10 14.75 16.82
C ARG C 27 29.44 16.21 16.56
N GLU C 28 29.02 16.71 15.41
CA GLU C 28 29.07 18.14 15.11
C GLU C 28 27.64 18.61 14.90
N TYR C 29 27.22 19.62 15.66
CA TYR C 29 25.83 20.08 15.61
C TYR C 29 25.67 21.32 14.74
N PHE C 30 24.54 21.37 14.04
CA PHE C 30 24.14 22.50 13.22
C PHE C 30 22.71 22.81 13.62
N TYR C 31 22.46 24.03 14.08
CA TYR C 31 21.12 24.42 14.45
C TYR C 31 20.55 25.37 13.41
N PHE C 32 19.25 25.26 13.17
CA PHE C 32 18.62 26.16 12.21
C PHE C 32 17.30 26.65 12.77
N GLU C 33 16.87 27.81 12.29
CA GLU C 33 15.60 28.38 12.72
C GLU C 33 14.49 27.81 11.83
N LEU C 34 13.51 27.19 12.46
CA LEU C 34 12.37 26.69 11.71
C LEU C 34 11.35 27.80 11.50
N ASP C 35 10.60 27.69 10.41
CA ASP C 35 9.53 28.66 10.12
C ASP C 35 8.17 27.98 10.18
N LYS D 4 -32.69 -25.28 0.59
CA LYS D 4 -33.29 -24.35 -0.37
C LYS D 4 -32.24 -23.41 -0.96
N GLY D 5 -31.13 -23.99 -1.44
CA GLY D 5 -29.98 -23.19 -1.85
C GLY D 5 -30.17 -22.51 -3.20
N ILE D 6 -29.42 -21.42 -3.40
CA ILE D 6 -29.52 -20.62 -4.61
C ILE D 6 -28.24 -20.69 -5.44
N LEU D 7 -27.37 -21.66 -5.17
CA LEU D 7 -26.15 -21.84 -5.96
C LEU D 7 -26.44 -22.83 -7.08
N LYS D 8 -26.24 -22.39 -8.32
CA LYS D 8 -26.47 -23.26 -9.48
C LYS D 8 -25.28 -24.18 -9.71
N ARG D 15 -34.48 -16.15 -19.75
CA ARG D 15 -35.86 -16.41 -19.35
C ARG D 15 -36.44 -15.24 -18.54
N LYS D 16 -35.68 -14.74 -17.55
CA LYS D 16 -36.14 -13.64 -16.70
C LYS D 16 -35.51 -12.33 -17.15
N ASN D 17 -36.09 -11.21 -16.68
CA ASN D 17 -35.59 -9.88 -17.00
C ASN D 17 -35.69 -8.94 -15.81
N VAL D 18 -34.66 -8.11 -15.63
CA VAL D 18 -34.66 -7.08 -14.60
C VAL D 18 -35.76 -6.06 -14.87
N HIS D 19 -36.48 -5.66 -13.82
CA HIS D 19 -37.39 -4.54 -13.92
C HIS D 19 -37.47 -3.82 -12.59
N TRP D 20 -38.11 -2.66 -12.61
CA TRP D 20 -38.11 -1.76 -11.46
C TRP D 20 -39.53 -1.44 -11.03
N PRO D 21 -39.75 -1.12 -9.76
CA PRO D 21 -41.09 -0.74 -9.32
C PRO D 21 -41.45 0.66 -9.79
N GLU D 22 -42.72 1.02 -9.59
CA GLU D 22 -43.14 2.39 -9.84
C GLU D 22 -42.41 3.34 -8.90
N GLU D 23 -42.19 4.57 -9.38
CA GLU D 23 -41.40 5.54 -8.62
C GLU D 23 -42.10 5.90 -7.32
N GLY D 24 -41.77 5.17 -6.25
CA GLY D 24 -42.38 5.37 -4.96
C GLY D 24 -42.35 4.04 -4.24
N LYS D 25 -42.16 2.99 -5.05
CA LYS D 25 -41.90 1.65 -4.56
C LYS D 25 -40.46 1.25 -4.87
N LEU D 26 -39.66 2.19 -5.40
CA LEU D 26 -38.27 1.90 -5.73
C LEU D 26 -37.39 1.91 -4.49
N ARG D 27 -37.62 2.84 -3.57
CA ARG D 27 -36.81 2.96 -2.37
C ARG D 27 -37.69 2.72 -1.15
N GLU D 28 -37.21 1.87 -0.25
CA GLU D 28 -37.81 1.67 1.06
C GLU D 28 -36.78 2.10 2.09
N TYR D 29 -37.16 3.04 2.95
CA TYR D 29 -36.28 3.59 3.96
C TYR D 29 -36.56 2.93 5.30
N PHE D 30 -35.54 2.83 6.13
CA PHE D 30 -35.70 2.24 7.45
C PHE D 30 -35.36 3.16 8.61
N TYR D 31 -34.47 4.14 8.41
CA TYR D 31 -34.12 5.14 9.42
C TYR D 31 -33.82 4.47 10.77
N PHE D 32 -32.69 3.80 10.81
CA PHE D 32 -32.24 3.11 12.02
C PHE D 32 -32.13 4.03 13.23
#